data_6ERK
#
_entry.id   6ERK
#
_cell.length_a   182.069
_cell.length_b   67.910
_cell.length_c   118.070
_cell.angle_alpha   90.000
_cell.angle_beta   128.810
_cell.angle_gamma   90.000
#
_symmetry.space_group_name_H-M   'C 1 2 1'
#
loop_
_entity.id
_entity.type
_entity.pdbx_description
1 polymer Aminotransferase
2 non-polymer 'SULFATE ION'
3 non-polymer 1,2-ETHANEDIOL
4 non-polymer GLYCEROL
5 non-polymer "PYRIDOXAL-5'-PHOSPHATE"
6 water water
#
_entity_poly.entity_id   1
_entity_poly.type   'polypeptide(L)'
_entity_poly.pdbx_seq_one_letter_code
;MGSDKIHHHHHHENLYFQGHMTTVSTNDFDQQHLWHPYASLPPTYPNIVIDRAEGIYIVTEDGTRLIDGMSSWWASVHGY
NHPKLNAAMIEQLGKMAHVMFGGLTHQPAIDLGKKLLSIVPAGLDAIFYADSGSIAVEVALKMALQYQIAAKRPSKCQFA
STHSGYYGDTWHAMSVCDPINGMHSLYGKQLPMQHFVAAPPMGFERDLTQSEREALTEFFVKNSDKLAGFIIEPIIQGAG
GMRFYSPQYLQLLRKLCDEYDVLLIADEIATGFGRSGKLFACEHAAISPDIMTIGKALTGGYMTFAATLSTREIADTISQ
SDYPALMHGPTFMGNPLACAVACASIDLIVSYDIEARTENMQAIMNEQLAPAVSLEGVKEVRCLGAVAVIELNEAVDMPI
FQTLLINNGIWVRPFGKLVYIMPPYVITDDELTTLCQALLKVVSSYLTRKD
;
_entity_poly.pdbx_strand_id   A,B
#
# COMPACT_ATOMS: atom_id res chain seq x y z
N MET A 21 -4.04 -0.60 40.77
CA MET A 21 -2.70 -0.92 40.12
C MET A 21 -2.90 -1.87 38.97
N THR A 22 -2.45 -1.49 37.80
CA THR A 22 -2.55 -2.28 36.59
C THR A 22 -1.15 -2.47 36.10
N THR A 23 -0.88 -3.72 35.70
CA THR A 23 0.36 -4.11 35.08
C THR A 23 -0.06 -4.58 33.70
N VAL A 24 0.42 -3.89 32.67
CA VAL A 24 0.21 -4.27 31.28
C VAL A 24 1.39 -5.05 30.75
N SER A 25 1.09 -5.82 29.70
CA SER A 25 2.05 -6.66 29.04
C SER A 25 2.77 -5.87 27.96
N THR A 26 4.10 -6.09 27.97
CA THR A 26 5.06 -5.57 27.00
C THR A 26 5.89 -6.74 26.46
N ASN A 27 6.73 -6.47 25.45
CA ASN A 27 7.39 -7.55 24.73
C ASN A 27 8.77 -7.13 24.29
N ASP A 28 9.79 -7.84 24.78
CA ASP A 28 11.17 -7.47 24.47
C ASP A 28 11.53 -7.64 23.01
N PHE A 29 10.94 -8.62 22.35
CA PHE A 29 11.20 -8.72 20.87
C PHE A 29 10.68 -7.50 20.10
N ASP A 30 9.43 -7.13 20.35
CA ASP A 30 8.88 -5.90 19.77
C ASP A 30 9.81 -4.70 20.00
N GLN A 31 10.16 -4.50 21.31
CA GLN A 31 10.96 -3.38 21.71
C GLN A 31 12.26 -3.24 20.98
N GLN A 32 12.91 -4.35 20.68
CA GLN A 32 14.25 -4.33 20.04
C GLN A 32 14.23 -4.45 18.49
N HIS A 33 13.21 -5.09 17.93
CA HIS A 33 13.26 -5.51 16.52
C HIS A 33 12.17 -4.97 15.59
N LEU A 34 11.07 -4.44 16.14
CA LEU A 34 9.97 -3.99 15.30
C LEU A 34 9.78 -2.46 15.34
N TRP A 35 9.94 -1.84 14.16
CA TRP A 35 9.58 -0.45 14.04
C TRP A 35 8.06 -0.24 14.18
N HIS A 36 7.70 0.90 14.78
CA HIS A 36 6.29 1.30 14.80
C HIS A 36 6.23 2.69 14.13
N PRO A 37 5.03 3.21 13.85
CA PRO A 37 4.99 4.46 13.06
C PRO A 37 5.71 5.61 13.69
N TYR A 38 6.54 6.24 12.84
CA TYR A 38 7.27 7.43 13.23
C TYR A 38 7.89 7.29 14.60
N ALA A 39 8.59 6.15 14.78
CA ALA A 39 9.11 5.78 16.10
C ALA A 39 10.57 5.45 15.99
N SER A 40 11.29 5.63 17.08
CA SER A 40 12.66 5.12 17.14
C SER A 40 12.61 3.62 17.56
N LEU A 41 13.77 3.00 17.37
CA LEU A 41 13.92 1.58 17.70
C LEU A 41 15.22 1.35 18.51
N PRO A 42 15.17 1.01 19.80
CA PRO A 42 13.94 0.87 20.58
C PRO A 42 13.25 2.23 20.82
N PRO A 43 11.94 2.19 21.11
CA PRO A 43 11.19 3.35 21.46
C PRO A 43 11.50 3.73 22.94
N THR A 44 11.22 4.98 23.28
CA THR A 44 11.48 5.38 24.70
C THR A 44 10.46 4.76 25.68
N TYR A 45 9.25 4.52 25.17
CA TYR A 45 8.18 3.91 25.93
C TYR A 45 7.68 2.66 25.18
N PRO A 46 7.55 1.55 25.90
CA PRO A 46 7.15 0.30 25.26
C PRO A 46 5.72 0.27 24.77
N ASN A 47 5.48 -0.58 23.76
CA ASN A 47 4.15 -0.77 23.21
C ASN A 47 3.36 -1.77 24.04
N ILE A 48 2.07 -1.52 24.19
CA ILE A 48 1.17 -2.40 24.94
C ILE A 48 0.72 -3.55 24.02
N VAL A 49 0.91 -4.78 24.49
CA VAL A 49 0.47 -5.95 23.73
C VAL A 49 -1.05 -6.09 23.82
N ILE A 50 -1.69 -6.04 22.65
CA ILE A 50 -3.16 -6.23 22.51
C ILE A 50 -3.39 -7.67 22.06
N ASP A 51 -4.29 -8.33 22.78
CA ASP A 51 -4.64 -9.73 22.43
C ASP A 51 -5.82 -9.86 21.49
N ARG A 52 -6.83 -8.99 21.64
CA ARG A 52 -8.10 -9.15 20.92
C ARG A 52 -8.87 -7.85 21.04
N ALA A 53 -9.97 -7.78 20.37
CA ALA A 53 -10.83 -6.57 20.40
C ALA A 53 -12.29 -6.97 20.18
N GLU A 54 -13.19 -6.15 20.68
CA GLU A 54 -14.62 -6.44 20.62
C GLU A 54 -15.41 -5.18 20.82
N GLY A 55 -16.37 -4.92 19.94
CA GLY A 55 -17.15 -3.69 20.07
C GLY A 55 -16.23 -2.47 20.00
N ILE A 56 -16.36 -1.57 20.96
CA ILE A 56 -15.50 -0.36 20.99
C ILE A 56 -14.17 -0.56 21.69
N TYR A 57 -13.93 -1.80 22.20
CA TYR A 57 -12.84 -2.08 23.09
C TYR A 57 -11.68 -2.82 22.43
N ILE A 58 -10.49 -2.48 22.84
CA ILE A 58 -9.32 -3.28 22.67
C ILE A 58 -8.95 -3.91 24.00
N VAL A 59 -8.35 -5.11 23.96
CA VAL A 59 -8.16 -5.90 25.16
C VAL A 59 -6.74 -6.32 25.26
N THR A 60 -6.12 -5.97 26.39
CA THR A 60 -4.69 -6.22 26.55
C THR A 60 -4.49 -7.70 26.83
N GLU A 61 -3.22 -8.12 26.69
CA GLU A 61 -2.83 -9.52 26.92
C GLU A 61 -3.25 -9.97 28.33
N ASP A 62 -3.29 -9.04 29.28
CA ASP A 62 -3.74 -9.33 30.65
C ASP A 62 -5.26 -9.21 30.94
N GLY A 63 -6.08 -8.84 29.94
CA GLY A 63 -7.47 -8.94 30.10
C GLY A 63 -8.11 -7.52 30.29
N THR A 64 -7.30 -6.45 30.32
CA THR A 64 -7.78 -5.09 30.55
C THR A 64 -8.46 -4.56 29.27
N ARG A 65 -9.74 -4.16 29.39
CA ARG A 65 -10.46 -3.58 28.27
C ARG A 65 -10.29 -2.05 28.28
N LEU A 66 -10.08 -1.50 27.09
CA LEU A 66 -9.87 -0.07 26.92
C LEU A 66 -10.78 0.39 25.82
N ILE A 67 -11.49 1.47 26.05
CA ILE A 67 -12.28 2.04 24.95
C ILE A 67 -11.29 2.69 23.99
N ASP A 68 -11.31 2.27 22.72
CA ASP A 68 -10.43 2.90 21.74
C ASP A 68 -11.09 4.16 21.20
N GLY A 69 -10.68 5.30 21.74
CA GLY A 69 -11.21 6.54 21.25
C GLY A 69 -10.76 6.96 19.85
N MET A 70 -9.81 6.26 19.28
CA MET A 70 -9.20 6.59 18.01
C MET A 70 -9.79 5.86 16.81
N SER A 71 -10.63 4.85 17.07
CA SER A 71 -11.04 3.93 16.00
C SER A 71 -9.88 3.43 15.18
N SER A 72 -8.79 3.04 15.83
CA SER A 72 -7.58 2.62 15.11
C SER A 72 -7.19 3.55 13.96
N TRP A 73 -7.08 4.82 14.30
CA TRP A 73 -6.71 5.87 13.35
C TRP A 73 -7.78 6.05 12.27
N TRP A 74 -9.02 6.33 12.74
CA TRP A 74 -10.12 6.86 11.94
C TRP A 74 -10.91 5.75 11.26
N ALA A 75 -10.41 4.52 11.20
CA ALA A 75 -10.88 3.51 10.29
C ALA A 75 -11.91 2.51 10.84
N SER A 76 -11.83 2.21 12.15
CA SER A 76 -12.64 1.14 12.69
C SER A 76 -14.01 1.72 13.13
N VAL A 77 -14.72 2.19 12.15
CA VAL A 77 -15.96 3.00 12.40
C VAL A 77 -17.15 2.15 12.86
N HIS A 78 -17.06 0.84 12.66
CA HIS A 78 -18.05 -0.10 13.18
C HIS A 78 -17.61 -0.86 14.41
N GLY A 79 -16.53 -0.40 15.01
CA GLY A 79 -15.87 -1.10 16.09
C GLY A 79 -15.11 -2.31 15.61
N TYR A 80 -14.78 -3.19 16.54
CA TYR A 80 -13.96 -4.35 16.27
C TYR A 80 -14.83 -5.62 16.30
N ASN A 81 -14.40 -6.64 15.55
CA ASN A 81 -15.00 -7.97 15.62
C ASN A 81 -16.49 -7.83 15.37
N HIS A 82 -16.83 -7.08 14.30
CA HIS A 82 -18.22 -6.90 13.95
C HIS A 82 -18.73 -8.12 13.18
N PRO A 83 -19.88 -8.67 13.57
CA PRO A 83 -20.29 -9.93 12.97
C PRO A 83 -20.59 -9.83 11.47
N LYS A 84 -21.02 -8.66 11.00
CA LYS A 84 -21.32 -8.52 9.57
C LYS A 84 -20.05 -8.34 8.75
N LEU A 85 -19.08 -7.63 9.31
CA LEU A 85 -17.74 -7.54 8.65
C LEU A 85 -17.09 -8.92 8.64
N ASN A 86 -17.19 -9.62 9.76
CA ASN A 86 -16.58 -10.94 9.86
C ASN A 86 -17.23 -11.89 8.82
N ALA A 87 -18.58 -11.84 8.72
CA ALA A 87 -19.28 -12.69 7.77
C ALA A 87 -18.81 -12.43 6.34
N ALA A 88 -18.61 -11.13 5.99
CA ALA A 88 -18.17 -10.79 4.64
C ALA A 88 -16.79 -11.34 4.34
N MET A 89 -15.91 -11.25 5.31
CA MET A 89 -14.55 -11.80 5.18
C MET A 89 -14.59 -13.33 4.94
N ILE A 90 -15.36 -14.00 5.79
CA ILE A 90 -15.46 -15.46 5.71
C ILE A 90 -16.08 -15.91 4.34
N GLU A 91 -17.13 -15.21 3.92
CA GLU A 91 -17.79 -15.55 2.68
C GLU A 91 -16.83 -15.43 1.50
N GLN A 92 -16.04 -14.33 1.45
CA GLN A 92 -15.11 -14.17 0.33
C GLN A 92 -13.96 -15.15 0.40
N LEU A 93 -13.46 -15.43 1.61
CA LEU A 93 -12.39 -16.42 1.75
C LEU A 93 -12.74 -17.76 1.16
N GLY A 94 -14.01 -18.15 1.24
CA GLY A 94 -14.44 -19.43 0.67
C GLY A 94 -14.35 -19.53 -0.84
N LYS A 95 -14.36 -18.36 -1.47
CA LYS A 95 -14.32 -18.25 -2.93
C LYS A 95 -12.87 -18.01 -3.37
N MET A 96 -12.30 -16.90 -2.95
CA MET A 96 -10.87 -16.58 -3.16
C MET A 96 -10.53 -15.35 -2.37
N ALA A 97 -9.41 -15.39 -1.64
CA ALA A 97 -8.91 -14.20 -0.93
C ALA A 97 -8.43 -13.18 -1.96
N HIS A 98 -7.82 -13.66 -3.03
CA HIS A 98 -7.18 -12.79 -4.01
C HIS A 98 -7.10 -13.48 -5.36
N VAL A 99 -7.25 -12.69 -6.40
CA VAL A 99 -6.82 -13.08 -7.76
C VAL A 99 -6.33 -11.83 -8.43
N MET A 100 -5.36 -11.99 -9.32
CA MET A 100 -4.80 -10.82 -10.09
C MET A 100 -5.86 -10.10 -10.92
N PHE A 101 -5.69 -8.80 -11.05
CA PHE A 101 -6.64 -7.94 -11.77
C PHE A 101 -6.20 -7.62 -13.21
N GLY A 102 -5.14 -8.27 -13.69
CA GLY A 102 -4.67 -8.08 -15.06
C GLY A 102 -5.38 -9.00 -16.02
N GLY A 103 -6.32 -8.45 -16.76
CA GLY A 103 -7.13 -9.22 -17.67
C GLY A 103 -8.29 -9.96 -17.06
N LEU A 104 -8.44 -9.84 -15.72
CA LEU A 104 -9.45 -10.55 -14.96
C LEU A 104 -10.19 -9.57 -14.11
N THR A 105 -11.45 -9.82 -13.84
CA THR A 105 -12.22 -9.07 -12.86
C THR A 105 -12.99 -10.04 -11.97
N HIS A 106 -13.79 -9.47 -11.06
CA HIS A 106 -14.52 -10.34 -10.12
C HIS A 106 -15.72 -9.60 -9.55
N GLN A 107 -16.66 -10.36 -9.00
CA GLN A 107 -17.91 -9.74 -8.55
C GLN A 107 -17.75 -8.79 -7.38
N PRO A 108 -16.82 -9.04 -6.42
CA PRO A 108 -16.65 -8.05 -5.36
C PRO A 108 -16.22 -6.68 -5.89
N ALA A 109 -15.34 -6.66 -6.89
CA ALA A 109 -14.89 -5.41 -7.44
C ALA A 109 -16.08 -4.66 -8.08
N ILE A 110 -16.89 -5.42 -8.82
CA ILE A 110 -18.08 -4.88 -9.49
C ILE A 110 -19.12 -4.36 -8.50
N ASP A 111 -19.42 -5.17 -7.51
CA ASP A 111 -20.44 -4.80 -6.55
C ASP A 111 -20.01 -3.61 -5.69
N LEU A 112 -18.73 -3.57 -5.29
CA LEU A 112 -18.23 -2.42 -4.57
C LEU A 112 -18.32 -1.17 -5.46
N GLY A 113 -17.92 -1.31 -6.74
CA GLY A 113 -17.92 -0.16 -7.62
C GLY A 113 -19.33 0.42 -7.75
N LYS A 114 -20.34 -0.46 -7.91
CA LYS A 114 -21.73 -0.01 -8.06
C LYS A 114 -22.13 0.75 -6.78
N LYS A 115 -21.76 0.18 -5.61
CA LYS A 115 -22.14 0.79 -4.35
C LYS A 115 -21.51 2.20 -4.25
N LEU A 116 -20.23 2.28 -4.56
CA LEU A 116 -19.52 3.56 -4.52
C LEU A 116 -20.15 4.59 -5.43
N LEU A 117 -20.40 4.23 -6.70
CA LEU A 117 -20.92 5.27 -7.62
C LEU A 117 -22.33 5.76 -7.20
N SER A 118 -23.08 4.94 -6.48
CA SER A 118 -24.38 5.30 -5.96
C SER A 118 -24.38 6.36 -4.84
N ILE A 119 -23.25 6.49 -4.17
CA ILE A 119 -23.14 7.33 -2.96
C ILE A 119 -22.14 8.52 -3.04
N VAL A 120 -21.11 8.40 -3.85
CA VAL A 120 -20.10 9.48 -3.92
C VAL A 120 -20.64 10.74 -4.64
N PRO A 121 -19.92 11.88 -4.50
CA PRO A 121 -20.38 13.11 -5.13
C PRO A 121 -20.60 12.93 -6.61
N ALA A 122 -21.62 13.63 -7.10
CA ALA A 122 -22.01 13.52 -8.50
C ALA A 122 -20.85 13.81 -9.41
N GLY A 123 -20.83 13.08 -10.52
CA GLY A 123 -19.78 13.29 -11.54
C GLY A 123 -18.65 12.30 -11.47
N LEU A 124 -18.38 11.73 -10.27
CA LEU A 124 -17.33 10.72 -10.19
C LEU A 124 -17.89 9.45 -10.82
N ASP A 125 -17.10 8.91 -11.77
CA ASP A 125 -17.58 7.83 -12.62
C ASP A 125 -16.61 6.67 -12.87
N ALA A 126 -15.31 6.87 -12.59
CA ALA A 126 -14.25 5.88 -12.88
C ALA A 126 -13.52 5.60 -11.58
N ILE A 127 -13.21 4.36 -11.33
CA ILE A 127 -12.66 3.93 -10.03
C ILE A 127 -11.33 3.16 -10.30
N PHE A 128 -10.28 3.57 -9.59
CA PHE A 128 -8.95 2.89 -9.58
C PHE A 128 -8.77 2.38 -8.16
N TYR A 129 -8.87 1.06 -7.95
CA TYR A 129 -8.60 0.49 -6.65
C TYR A 129 -7.12 0.49 -6.31
N ALA A 130 -6.80 0.78 -5.05
CA ALA A 130 -5.44 0.95 -4.59
C ALA A 130 -5.15 0.17 -3.31
N ASP A 131 -3.87 -0.05 -3.00
CA ASP A 131 -3.50 -0.86 -1.84
C ASP A 131 -3.61 -0.10 -0.51
N SER A 132 -3.43 1.24 -0.58
CA SER A 132 -3.39 2.02 0.60
C SER A 132 -3.74 3.47 0.22
N GLY A 133 -4.04 4.28 1.26
CA GLY A 133 -4.39 5.68 1.02
C GLY A 133 -3.26 6.43 0.31
N SER A 134 -2.02 6.23 0.75
CA SER A 134 -0.88 6.87 0.10
C SER A 134 -0.76 6.55 -1.40
N ILE A 135 -1.00 5.28 -1.72
CA ILE A 135 -0.94 4.89 -3.14
C ILE A 135 -2.12 5.52 -3.87
N ALA A 136 -3.31 5.55 -3.21
CA ALA A 136 -4.46 6.27 -3.89
C ALA A 136 -4.13 7.74 -4.26
N VAL A 137 -3.46 8.41 -3.36
CA VAL A 137 -2.99 9.78 -3.58
C VAL A 137 -2.01 9.81 -4.72
N GLU A 138 -1.01 8.93 -4.70
CA GLU A 138 -0.02 8.87 -5.81
C GLU A 138 -0.70 8.71 -7.16
N VAL A 139 -1.71 7.84 -7.19
CA VAL A 139 -2.46 7.60 -8.42
C VAL A 139 -3.29 8.88 -8.83
N ALA A 140 -3.89 9.55 -7.83
CA ALA A 140 -4.61 10.80 -8.13
C ALA A 140 -3.71 11.84 -8.79
N LEU A 141 -2.51 12.01 -8.26
CA LEU A 141 -1.56 13.00 -8.78
C LEU A 141 -1.14 12.61 -10.21
N LYS A 142 -0.85 11.32 -10.42
CA LYS A 142 -0.53 10.83 -11.77
C LYS A 142 -1.66 11.03 -12.78
N MET A 143 -2.92 10.79 -12.37
CA MET A 143 -4.08 11.03 -13.20
C MET A 143 -4.14 12.48 -13.62
N ALA A 144 -3.96 13.37 -12.67
CA ALA A 144 -4.00 14.81 -12.96
C ALA A 144 -2.89 15.20 -13.94
N LEU A 145 -1.66 14.72 -13.74
CA LEU A 145 -0.56 15.01 -14.69
C LEU A 145 -0.81 14.50 -16.07
N GLN A 146 -1.24 13.24 -16.17
CA GLN A 146 -1.53 12.61 -17.47
C GLN A 146 -2.69 13.35 -18.14
N TYR A 147 -3.66 13.82 -17.35
CA TYR A 147 -4.80 14.52 -17.91
C TYR A 147 -4.35 15.82 -18.59
N GLN A 148 -3.49 16.59 -17.92
CA GLN A 148 -3.04 17.87 -18.47
C GLN A 148 -2.19 17.64 -19.72
N ILE A 149 -1.37 16.57 -19.72
CA ILE A 149 -0.55 16.25 -20.90
C ILE A 149 -1.48 15.93 -22.07
N ALA A 150 -2.50 15.11 -21.82
CA ALA A 150 -3.53 14.75 -22.81
C ALA A 150 -4.35 15.94 -23.30
N ALA A 151 -4.60 16.87 -22.41
CA ALA A 151 -5.30 18.11 -22.72
C ALA A 151 -4.41 19.18 -23.40
N LYS A 152 -3.15 18.85 -23.66
CA LYS A 152 -2.20 19.72 -24.35
C LYS A 152 -1.88 20.95 -23.51
N ARG A 153 -1.84 20.75 -22.19
CA ARG A 153 -1.43 21.83 -21.29
C ARG A 153 -0.28 21.29 -20.49
N PRO A 154 0.82 20.93 -21.17
CA PRO A 154 1.90 20.27 -20.43
C PRO A 154 2.64 21.16 -19.40
N SER A 155 2.43 22.49 -19.43
CA SER A 155 2.96 23.38 -18.42
C SER A 155 2.29 23.17 -17.07
N LYS A 156 1.09 22.60 -17.12
CA LYS A 156 0.32 22.29 -15.89
C LYS A 156 0.86 20.94 -15.35
N CYS A 157 1.96 21.01 -14.62
CA CYS A 157 2.77 19.89 -14.17
C CYS A 157 3.11 19.95 -12.68
N GLN A 158 2.55 20.93 -11.96
CA GLN A 158 2.76 21.06 -10.52
C GLN A 158 1.44 21.01 -9.74
N PHE A 159 1.57 20.92 -8.42
CA PHE A 159 0.41 20.84 -7.55
C PHE A 159 0.48 21.95 -6.52
N ALA A 160 -0.70 22.33 -6.05
CA ALA A 160 -0.85 23.23 -4.94
C ALA A 160 -1.65 22.58 -3.81
N SER A 161 -1.40 23.05 -2.61
CA SER A 161 -2.27 22.78 -1.46
C SER A 161 -2.17 23.97 -0.48
N THR A 162 -2.92 23.87 0.60
CA THR A 162 -2.80 24.74 1.71
C THR A 162 -1.61 24.32 2.58
N HIS A 163 -1.10 25.25 3.38
CA HIS A 163 -0.14 24.90 4.46
C HIS A 163 -1.02 23.97 5.41
N SER A 164 -0.47 23.10 6.24
CA SER A 164 -1.30 22.28 7.19
C SER A 164 -2.03 21.07 6.60
N GLY A 165 -1.76 20.68 5.38
CA GLY A 165 -2.38 19.45 4.91
C GLY A 165 -1.61 18.21 5.28
N TYR A 166 -2.25 17.05 5.07
CA TYR A 166 -1.58 15.72 5.05
C TYR A 166 -2.25 14.73 4.08
N TYR A 167 -1.44 14.03 3.25
CA TYR A 167 -1.94 13.20 2.14
C TYR A 167 -1.22 11.85 2.01
N GLY A 168 -0.49 11.44 3.04
CA GLY A 168 0.25 10.14 2.97
C GLY A 168 1.75 10.37 3.06
N ASP A 169 2.52 9.27 3.18
CA ASP A 169 3.98 9.30 3.49
C ASP A 169 4.90 8.82 2.33
N THR A 170 4.32 8.47 1.20
CA THR A 170 5.09 8.12 0.01
C THR A 170 5.60 9.42 -0.60
N TRP A 171 6.58 9.29 -1.51
CA TRP A 171 7.42 10.45 -1.80
C TRP A 171 6.64 11.56 -2.48
N HIS A 172 5.73 11.22 -3.39
CA HIS A 172 4.97 12.28 -4.11
C HIS A 172 3.96 12.93 -3.16
N ALA A 173 3.26 12.11 -2.38
CA ALA A 173 2.34 12.65 -1.34
C ALA A 173 3.06 13.55 -0.34
N MET A 174 4.27 13.13 0.08
CA MET A 174 5.12 13.96 0.96
C MET A 174 5.29 15.37 0.39
N SER A 175 5.35 15.48 -0.94
CA SER A 175 5.67 16.79 -1.52
C SER A 175 4.58 17.86 -1.38
N VAL A 176 3.33 17.43 -1.14
CA VAL A 176 2.18 18.37 -0.95
C VAL A 176 1.78 18.50 0.57
N CYS A 177 2.37 17.60 1.37
CA CYS A 177 2.29 17.61 2.84
C CYS A 177 3.01 18.90 3.37
N ASP A 178 2.50 19.47 4.45
CA ASP A 178 3.03 20.74 4.86
C ASP A 178 4.53 20.70 5.07
N LYS A 189 16.86 18.65 -2.95
CA LYS A 189 16.57 18.63 -4.38
C LYS A 189 15.70 17.43 -4.76
N GLN A 190 15.90 16.29 -4.08
CA GLN A 190 15.29 15.02 -4.48
C GLN A 190 13.79 14.94 -4.14
N LEU A 191 13.28 15.78 -3.22
CA LEU A 191 11.80 15.88 -2.99
C LEU A 191 11.21 17.06 -3.78
N PRO A 192 10.31 16.78 -4.75
CA PRO A 192 9.89 17.82 -5.72
C PRO A 192 9.19 19.01 -5.10
N MET A 193 9.42 20.17 -5.70
CA MET A 193 8.82 21.44 -5.26
C MET A 193 7.38 21.56 -5.75
N GLN A 194 6.51 22.07 -4.87
CA GLN A 194 5.08 22.39 -5.16
C GLN A 194 4.78 23.81 -4.66
N HIS A 195 3.49 24.21 -4.65
CA HIS A 195 3.05 25.59 -4.34
C HIS A 195 2.03 25.58 -3.19
N PHE A 196 2.11 26.52 -2.28
CA PHE A 196 1.24 26.53 -1.09
C PHE A 196 0.50 27.89 -0.91
N VAL A 197 -0.75 27.81 -0.41
CA VAL A 197 -1.52 28.95 0.08
C VAL A 197 -1.67 28.81 1.62
N ALA A 198 -2.14 29.89 2.25
CA ALA A 198 -2.38 29.88 3.68
C ALA A 198 -3.26 28.72 4.08
N ALA A 199 -3.03 28.18 5.27
CA ALA A 199 -3.99 27.27 5.85
C ALA A 199 -5.36 27.97 5.88
N PRO A 200 -6.43 27.21 5.58
CA PRO A 200 -7.70 27.84 5.68
C PRO A 200 -8.02 28.35 7.09
N PRO A 201 -8.84 29.39 7.21
CA PRO A 201 -9.14 29.89 8.59
C PRO A 201 -9.80 28.87 9.48
N MET A 202 -9.38 28.82 10.74
CA MET A 202 -9.99 27.85 11.66
C MET A 202 -11.43 28.28 11.96
N GLY A 203 -12.35 27.34 11.88
CA GLY A 203 -13.71 27.50 12.29
C GLY A 203 -14.67 27.07 11.22
N PHE A 204 -15.43 26.04 11.54
CA PHE A 204 -16.44 25.49 10.62
C PHE A 204 -17.51 26.54 10.25
N GLU A 205 -17.90 27.37 11.22
CA GLU A 205 -18.93 28.40 11.05
C GLU A 205 -18.45 29.81 10.69
N ARG A 206 -17.17 29.95 10.42
CA ARG A 206 -16.57 31.24 10.19
C ARG A 206 -16.71 31.70 8.74
N ASP A 207 -17.11 32.98 8.57
CA ASP A 207 -17.21 33.52 7.23
C ASP A 207 -15.85 33.94 6.74
N LEU A 208 -15.61 33.78 5.44
CA LEU A 208 -14.38 34.24 4.83
C LEU A 208 -14.42 35.77 4.81
N THR A 209 -13.26 36.39 4.83
CA THR A 209 -13.13 37.82 4.66
C THR A 209 -12.86 38.12 3.20
N GLN A 210 -13.07 39.38 2.81
CA GLN A 210 -12.73 39.81 1.46
C GLN A 210 -11.23 39.58 1.20
N SER A 211 -10.38 39.91 2.16
CA SER A 211 -8.94 39.74 1.99
C SER A 211 -8.57 38.26 1.76
N GLU A 212 -9.25 37.35 2.45
CA GLU A 212 -8.98 35.93 2.27
C GLU A 212 -9.41 35.45 0.90
N ARG A 213 -10.56 35.93 0.46
CA ARG A 213 -11.04 35.60 -0.91
C ARG A 213 -10.11 36.10 -1.95
N GLU A 214 -9.65 37.34 -1.80
CA GLU A 214 -8.74 37.92 -2.78
C GLU A 214 -7.39 37.23 -2.81
N ALA A 215 -6.85 36.86 -1.65
CA ALA A 215 -5.56 36.20 -1.65
C ALA A 215 -5.63 34.87 -2.42
N LEU A 216 -6.69 34.11 -2.17
CA LEU A 216 -6.80 32.81 -2.86
C LEU A 216 -6.96 32.97 -4.35
N THR A 217 -7.75 33.95 -4.71
CA THR A 217 -8.01 34.28 -6.10
C THR A 217 -6.69 34.69 -6.77
N GLU A 218 -5.95 35.57 -6.11
CA GLU A 218 -4.65 36.05 -6.61
C GLU A 218 -3.66 34.90 -6.84
N PHE A 219 -3.70 33.92 -5.96
CA PHE A 219 -2.87 32.73 -6.12
C PHE A 219 -3.17 31.97 -7.40
N PHE A 220 -4.46 31.78 -7.70
CA PHE A 220 -4.87 31.21 -8.96
C PHE A 220 -4.52 32.08 -10.19
N VAL A 221 -4.72 33.39 -10.10
CA VAL A 221 -4.37 34.25 -11.22
C VAL A 221 -2.86 34.07 -11.54
N LYS A 222 -2.04 34.10 -10.49
CA LYS A 222 -0.61 33.98 -10.64
C LYS A 222 -0.09 32.64 -11.15
N ASN A 223 -0.68 31.55 -10.63
CA ASN A 223 -0.04 30.23 -10.73
C ASN A 223 -0.79 29.21 -11.53
N SER A 224 -2.02 29.49 -11.91
CA SER A 224 -2.84 28.40 -12.49
C SER A 224 -2.29 27.75 -13.72
N ASP A 225 -1.54 28.51 -14.52
CA ASP A 225 -0.92 27.92 -15.72
C ASP A 225 0.15 26.86 -15.42
N LYS A 226 0.65 26.86 -14.18
CA LYS A 226 1.63 25.87 -13.72
C LYS A 226 0.95 24.67 -13.02
N LEU A 227 -0.34 24.75 -12.73
CA LEU A 227 -1.02 23.78 -11.81
C LEU A 227 -1.90 22.78 -12.51
N ALA A 228 -1.54 21.51 -12.36
CA ALA A 228 -2.37 20.42 -12.79
C ALA A 228 -3.55 20.21 -11.83
N GLY A 229 -3.28 20.44 -10.55
CA GLY A 229 -4.33 20.27 -9.56
C GLY A 229 -4.04 20.95 -8.26
N PHE A 230 -5.11 21.10 -7.49
CA PHE A 230 -5.09 21.59 -6.14
C PHE A 230 -5.67 20.45 -5.27
N ILE A 231 -4.88 19.99 -4.31
CA ILE A 231 -5.29 18.89 -3.45
C ILE A 231 -5.55 19.40 -2.06
N ILE A 232 -6.62 18.89 -1.45
CA ILE A 232 -7.03 19.34 -0.12
C ILE A 232 -7.86 18.24 0.56
N GLU A 233 -7.73 18.16 1.88
CA GLU A 233 -8.70 17.43 2.70
C GLU A 233 -9.92 18.34 2.91
N PRO A 234 -11.14 17.89 2.52
CA PRO A 234 -12.31 18.72 2.71
C PRO A 234 -12.73 18.83 4.15
N ILE A 235 -12.87 20.07 4.62
CA ILE A 235 -13.46 20.49 5.86
C ILE A 235 -12.60 20.19 7.08
N ILE A 236 -12.11 18.95 7.21
CA ILE A 236 -11.24 18.57 8.30
C ILE A 236 -9.87 18.23 7.79
N GLN A 237 -8.87 18.95 8.28
CA GLN A 237 -7.47 18.65 7.98
C GLN A 237 -6.92 17.89 9.20
N GLY A 238 -6.48 16.65 8.97
CA GLY A 238 -6.27 15.70 10.07
C GLY A 238 -4.92 15.76 10.67
N ALA A 239 -4.01 15.04 10.03
CA ALA A 239 -2.72 14.79 10.62
C ALA A 239 -1.95 16.08 10.71
N GLY A 240 -2.34 17.04 9.90
CA GLY A 240 -1.76 18.40 9.93
C GLY A 240 -2.17 19.36 11.07
N GLY A 241 -3.01 18.91 12.01
CA GLY A 241 -3.48 19.79 13.06
C GLY A 241 -4.93 19.70 13.52
N MET A 242 -5.68 18.72 13.01
CA MET A 242 -7.02 18.48 13.39
C MET A 242 -7.83 19.79 13.32
N ARG A 243 -7.76 20.42 12.15
CA ARG A 243 -8.30 21.77 11.87
C ARG A 243 -9.63 21.64 11.19
N PHE A 244 -10.64 22.41 11.62
CA PHE A 244 -11.91 22.44 10.92
C PHE A 244 -12.01 23.78 10.21
N TYR A 245 -12.51 23.77 8.98
CA TYR A 245 -12.69 25.04 8.25
C TYR A 245 -14.04 25.07 7.51
N SER A 246 -14.42 26.28 7.05
CA SER A 246 -15.70 26.54 6.50
C SER A 246 -15.95 25.88 5.17
N PRO A 247 -17.17 25.37 4.98
CA PRO A 247 -17.58 24.94 3.60
C PRO A 247 -17.46 26.07 2.59
N GLN A 248 -17.57 27.32 3.03
CA GLN A 248 -17.37 28.46 2.10
C GLN A 248 -16.02 28.43 1.42
N TYR A 249 -15.01 27.97 2.16
CA TYR A 249 -13.64 27.85 1.62
C TYR A 249 -13.63 26.84 0.48
N LEU A 250 -14.25 25.68 0.75
CA LEU A 250 -14.27 24.63 -0.28
C LEU A 250 -15.10 25.06 -1.54
N GLN A 251 -16.18 25.79 -1.30
CA GLN A 251 -17.00 26.36 -2.39
C GLN A 251 -16.19 27.33 -3.23
N LEU A 252 -15.45 28.21 -2.60
CA LEU A 252 -14.56 29.16 -3.33
C LEU A 252 -13.48 28.41 -4.10
N LEU A 253 -12.84 27.39 -3.47
CA LEU A 253 -11.82 26.64 -4.13
C LEU A 253 -12.36 25.93 -5.38
N ARG A 254 -13.56 25.35 -5.29
CA ARG A 254 -14.18 24.66 -6.40
C ARG A 254 -14.43 25.65 -7.55
N LYS A 255 -14.92 26.86 -7.20
CA LYS A 255 -15.16 27.87 -8.25
C LYS A 255 -13.87 28.31 -8.94
N LEU A 256 -12.83 28.52 -8.18
CA LEU A 256 -11.52 28.89 -8.71
C LEU A 256 -10.92 27.82 -9.57
N CYS A 257 -10.99 26.56 -9.11
CA CYS A 257 -10.49 25.49 -9.91
C CYS A 257 -11.27 25.40 -11.24
N ASP A 258 -12.59 25.60 -11.19
CA ASP A 258 -13.45 25.61 -12.42
C ASP A 258 -13.00 26.72 -13.38
N GLU A 259 -12.90 27.93 -12.85
CA GLU A 259 -12.66 29.11 -13.70
C GLU A 259 -11.21 29.17 -14.22
N TYR A 260 -10.24 28.61 -13.45
CA TYR A 260 -8.82 28.57 -13.78
C TYR A 260 -8.23 27.25 -14.29
N ASP A 261 -9.13 26.32 -14.65
CA ASP A 261 -8.72 25.04 -15.26
C ASP A 261 -7.65 24.28 -14.44
N VAL A 262 -7.98 24.10 -13.15
CA VAL A 262 -7.11 23.37 -12.21
C VAL A 262 -8.02 22.29 -11.66
N LEU A 263 -7.55 21.04 -11.69
CA LEU A 263 -8.38 19.94 -11.12
C LEU A 263 -8.41 20.03 -9.61
N LEU A 264 -9.61 19.87 -9.05
CA LEU A 264 -9.76 19.81 -7.61
C LEU A 264 -9.66 18.33 -7.17
N ILE A 265 -8.70 18.03 -6.31
CA ILE A 265 -8.51 16.66 -5.77
C ILE A 265 -8.88 16.70 -4.29
N ALA A 266 -9.94 16.02 -3.91
CA ALA A 266 -10.40 16.03 -2.52
C ALA A 266 -9.90 14.69 -1.93
N ASP A 267 -9.09 14.80 -0.88
CA ASP A 267 -8.60 13.63 -0.17
C ASP A 267 -9.57 13.36 0.97
N GLU A 268 -10.48 12.43 0.75
CA GLU A 268 -11.50 11.98 1.70
C GLU A 268 -11.10 10.66 2.41
N ILE A 269 -9.81 10.39 2.47
CA ILE A 269 -9.37 9.12 3.12
C ILE A 269 -9.80 9.06 4.59
N ALA A 270 -9.65 10.18 5.32
CA ALA A 270 -10.08 10.27 6.72
C ALA A 270 -11.54 10.71 6.87
N THR A 271 -11.98 11.67 6.05
CA THR A 271 -13.33 12.22 6.22
C THR A 271 -14.44 11.30 5.67
N GLY A 272 -14.09 10.46 4.71
CA GLY A 272 -15.11 9.64 4.01
C GLY A 272 -15.86 8.72 4.96
N PHE A 273 -17.12 8.50 4.62
CA PHE A 273 -18.06 7.60 5.30
C PHE A 273 -18.56 8.12 6.64
N GLY A 274 -18.61 9.42 6.83
CA GLY A 274 -19.39 10.03 7.88
C GLY A 274 -18.69 10.94 8.85
N ARG A 275 -17.35 11.07 8.75
CA ARG A 275 -16.62 11.50 9.90
C ARG A 275 -16.91 12.95 10.27
N SER A 276 -17.13 13.80 9.27
CA SER A 276 -17.38 15.23 9.48
C SER A 276 -18.87 15.56 9.71
N GLY A 277 -19.74 14.52 9.76
CA GLY A 277 -21.16 14.68 9.94
C GLY A 277 -21.99 14.57 8.67
N LYS A 278 -21.32 14.42 7.53
CA LYS A 278 -21.92 14.07 6.25
C LYS A 278 -21.16 12.85 5.70
N LEU A 279 -21.82 12.08 4.86
CA LEU A 279 -21.21 10.87 4.29
C LEU A 279 -19.85 11.16 3.67
N PHE A 280 -19.80 12.20 2.80
CA PHE A 280 -18.55 12.75 2.32
C PHE A 280 -18.52 14.21 2.69
N ALA A 281 -17.35 14.67 3.14
CA ALA A 281 -17.20 16.03 3.64
C ALA A 281 -17.47 17.05 2.51
N CYS A 282 -17.24 16.66 1.25
CA CYS A 282 -17.58 17.55 0.12
C CYS A 282 -19.05 17.99 0.14
N GLU A 283 -19.91 17.18 0.72
CA GLU A 283 -21.34 17.44 0.79
C GLU A 283 -21.63 18.74 1.63
N HIS A 284 -20.75 19.05 2.60
CA HIS A 284 -20.97 20.28 3.38
C HIS A 284 -21.02 21.52 2.47
N ALA A 285 -20.23 21.45 1.41
CA ALA A 285 -20.13 22.55 0.44
C ALA A 285 -21.07 22.35 -0.79
N ALA A 286 -21.69 21.15 -0.89
CA ALA A 286 -22.48 20.73 -2.03
C ALA A 286 -21.71 20.91 -3.35
N ILE A 287 -20.43 20.48 -3.30
CA ILE A 287 -19.56 20.44 -4.45
C ILE A 287 -19.09 19.04 -4.74
N SER A 288 -18.64 18.81 -5.96
CA SER A 288 -17.95 17.58 -6.32
C SER A 288 -16.53 17.90 -6.76
N PRO A 289 -15.55 17.10 -6.35
CA PRO A 289 -14.19 17.23 -6.82
C PRO A 289 -14.05 16.57 -8.19
N ASP A 290 -12.94 16.85 -8.87
CA ASP A 290 -12.60 16.15 -10.12
C ASP A 290 -12.09 14.75 -9.85
N ILE A 291 -11.34 14.63 -8.76
CA ILE A 291 -10.74 13.39 -8.29
C ILE A 291 -10.95 13.33 -6.78
N MET A 292 -11.27 12.13 -6.28
CA MET A 292 -11.47 11.92 -4.85
C MET A 292 -10.76 10.63 -4.45
N THR A 293 -10.05 10.71 -3.36
CA THR A 293 -9.44 9.52 -2.73
C THR A 293 -10.26 9.13 -1.48
N ILE A 294 -10.44 7.82 -1.30
CA ILE A 294 -11.07 7.23 -0.12
C ILE A 294 -10.25 6.04 0.39
N GLY A 295 -10.49 5.68 1.65
CA GLY A 295 -9.77 4.59 2.30
C GLY A 295 -10.30 4.45 3.73
N LYS A 296 -9.46 3.95 4.59
CA LYS A 296 -9.66 3.90 6.05
C LYS A 296 -11.00 3.25 6.41
N ALA A 297 -12.03 4.04 6.67
CA ALA A 297 -13.35 3.52 6.99
C ALA A 297 -14.00 2.66 5.87
N LEU A 298 -13.48 2.77 4.65
CA LEU A 298 -13.93 2.02 3.50
C LEU A 298 -14.01 0.53 3.82
N THR A 299 -13.01 -0.02 4.52
CA THR A 299 -13.05 -1.43 4.91
C THR A 299 -13.45 -1.67 6.36
N GLY A 300 -14.01 -0.67 7.01
CA GLY A 300 -14.29 -0.76 8.43
C GLY A 300 -13.03 -0.93 9.25
N GLY A 301 -11.87 -0.56 8.67
CA GLY A 301 -10.60 -0.72 9.36
C GLY A 301 -10.12 -2.14 9.48
N TYR A 302 -10.68 -3.04 8.68
CA TYR A 302 -10.21 -4.46 8.76
C TYR A 302 -8.91 -4.70 8.03
N MET A 303 -8.66 -3.94 6.97
CA MET A 303 -7.51 -4.18 6.13
C MET A 303 -7.20 -2.97 5.27
N THR A 304 -5.96 -2.88 4.83
CA THR A 304 -5.57 -1.81 4.00
C THR A 304 -6.19 -1.93 2.61
N PHE A 305 -6.75 -0.81 2.13
CA PHE A 305 -7.39 -0.75 0.81
C PHE A 305 -7.81 0.68 0.63
N ALA A 306 -7.88 1.12 -0.62
CA ALA A 306 -8.23 2.51 -0.89
C ALA A 306 -8.69 2.61 -2.34
N ALA A 307 -9.18 3.77 -2.74
CA ALA A 307 -9.63 3.92 -4.16
C ALA A 307 -9.44 5.39 -4.54
N THR A 308 -9.23 5.58 -5.82
CA THR A 308 -9.18 6.90 -6.43
C THR A 308 -10.23 6.95 -7.49
N LEU A 309 -11.13 7.93 -7.35
CA LEU A 309 -12.24 8.11 -8.26
C LEU A 309 -12.01 9.36 -9.09
N SER A 310 -12.41 9.31 -10.35
CA SER A 310 -12.36 10.51 -11.20
C SER A 310 -13.63 10.69 -11.97
N THR A 311 -13.74 11.89 -12.56
CA THR A 311 -14.77 12.09 -13.54
C THR A 311 -14.50 11.27 -14.81
N ARG A 312 -15.54 11.16 -15.62
CA ARG A 312 -15.44 10.57 -16.98
C ARG A 312 -14.55 11.37 -17.84
N GLU A 313 -14.61 12.71 -17.74
CA GLU A 313 -13.75 13.59 -18.58
C GLU A 313 -12.28 13.21 -18.40
N ILE A 314 -11.86 13.00 -17.13
CA ILE A 314 -10.46 12.63 -16.88
C ILE A 314 -10.16 11.23 -17.48
N ALA A 315 -11.03 10.25 -17.18
CA ALA A 315 -10.83 8.88 -17.66
C ALA A 315 -10.71 8.82 -19.22
N ASP A 316 -11.63 9.50 -19.88
CA ASP A 316 -11.71 9.55 -21.35
C ASP A 316 -10.49 10.26 -21.94
N THR A 317 -10.16 11.40 -21.36
CA THR A 317 -9.14 12.28 -21.94
C THR A 317 -7.82 11.58 -21.93
N ILE A 318 -7.53 10.88 -20.85
CA ILE A 318 -6.31 10.10 -20.77
C ILE A 318 -6.46 8.98 -21.76
N SER A 319 -7.58 8.26 -21.63
CA SER A 319 -7.74 7.03 -22.44
C SER A 319 -7.66 7.30 -23.96
N GLN A 320 -8.06 8.50 -24.42
CA GLN A 320 -8.04 8.86 -25.84
C GLN A 320 -6.76 9.55 -26.27
N SER A 321 -5.79 9.63 -25.37
CA SER A 321 -4.56 10.36 -25.61
C SER A 321 -3.51 9.48 -26.23
N ASP A 322 -2.33 10.06 -26.49
CA ASP A 322 -1.15 9.28 -26.93
C ASP A 322 -0.62 8.29 -25.88
N TYR A 323 -0.95 8.55 -24.60
CA TYR A 323 -0.62 7.66 -23.50
C TYR A 323 -1.95 7.20 -22.87
N PRO A 324 -2.63 6.23 -23.51
CA PRO A 324 -3.98 5.93 -23.05
C PRO A 324 -4.08 5.17 -21.72
N ALA A 325 -2.99 4.50 -21.31
CA ALA A 325 -3.03 3.66 -20.14
C ALA A 325 -2.64 4.54 -18.99
N LEU A 326 -3.38 4.39 -17.89
CA LEU A 326 -3.00 5.02 -16.65
C LEU A 326 -1.87 4.21 -16.08
N MET A 327 -0.73 4.87 -15.85
CA MET A 327 0.54 4.19 -15.60
C MET A 327 0.78 3.88 -14.13
N HIS A 328 -0.11 3.04 -13.62
CA HIS A 328 0.01 2.50 -12.28
C HIS A 328 -0.72 1.16 -12.22
N GLY A 329 -0.30 0.27 -11.30
CA GLY A 329 -0.89 -1.04 -11.20
C GLY A 329 -0.29 -1.84 -10.05
N PRO A 330 -0.84 -1.64 -8.83
CA PRO A 330 -0.25 -2.40 -7.69
C PRO A 330 -0.63 -3.98 -7.91
N THR A 331 0.28 -4.84 -7.55
CA THR A 331 0.07 -6.31 -7.69
C THR A 331 -1.29 -6.83 -7.10
N PHE A 332 -1.66 -6.26 -5.96
CA PHE A 332 -2.90 -6.65 -5.27
C PHE A 332 -4.08 -5.73 -5.62
N MET A 333 -4.01 -5.01 -6.75
CA MET A 333 -5.10 -4.12 -7.13
C MET A 333 -6.43 -4.90 -7.18
N GLY A 334 -7.44 -4.26 -6.64
CA GLY A 334 -8.79 -4.81 -6.62
C GLY A 334 -9.05 -5.99 -5.75
N ASN A 335 -8.13 -6.27 -4.83
CA ASN A 335 -8.26 -7.45 -3.98
C ASN A 335 -9.69 -7.80 -3.58
N PRO A 336 -10.14 -9.02 -3.93
CA PRO A 336 -11.55 -9.34 -3.67
C PRO A 336 -11.96 -9.40 -2.20
N LEU A 337 -11.02 -9.81 -1.33
CA LEU A 337 -11.37 -9.87 0.09
C LEU A 337 -11.67 -8.42 0.58
N ALA A 338 -10.79 -7.48 0.25
CA ALA A 338 -10.97 -6.08 0.66
C ALA A 338 -12.26 -5.52 0.07
N CYS A 339 -12.51 -5.82 -1.20
CA CYS A 339 -13.74 -5.38 -1.82
C CYS A 339 -14.97 -5.90 -1.09
N ALA A 340 -14.94 -7.17 -0.70
CA ALA A 340 -16.07 -7.80 -0.04
C ALA A 340 -16.32 -7.20 1.35
N VAL A 341 -15.27 -6.96 2.13
CA VAL A 341 -15.49 -6.32 3.45
C VAL A 341 -15.91 -4.86 3.28
N ALA A 342 -15.38 -4.17 2.27
CA ALA A 342 -15.82 -2.79 2.00
C ALA A 342 -17.31 -2.73 1.63
N CYS A 343 -17.80 -3.71 0.84
CA CYS A 343 -19.24 -3.77 0.56
C CYS A 343 -20.01 -3.81 1.87
N ALA A 344 -19.58 -4.69 2.77
CA ALA A 344 -20.27 -4.84 4.07
C ALA A 344 -20.20 -3.54 4.91
N SER A 345 -19.03 -2.89 4.92
CA SER A 345 -18.88 -1.68 5.66
C SER A 345 -19.80 -0.55 5.12
N ILE A 346 -19.85 -0.40 3.81
CA ILE A 346 -20.72 0.64 3.20
C ILE A 346 -22.19 0.32 3.49
N ASP A 347 -22.59 -0.96 3.37
CA ASP A 347 -23.95 -1.32 3.69
C ASP A 347 -24.31 -0.96 5.12
N LEU A 348 -23.35 -1.12 6.03
CA LEU A 348 -23.58 -0.71 7.41
C LEU A 348 -23.77 0.80 7.53
N ILE A 349 -22.84 1.54 6.97
CA ILE A 349 -22.96 3.03 7.00
C ILE A 349 -24.30 3.50 6.43
N VAL A 350 -24.70 2.95 5.30
CA VAL A 350 -25.95 3.36 4.65
C VAL A 350 -27.14 2.98 5.54
N SER A 351 -27.04 1.87 6.27
CA SER A 351 -28.09 1.46 7.20
C SER A 351 -28.28 2.36 8.45
N TYR A 352 -27.23 3.08 8.81
CA TYR A 352 -27.27 3.98 9.92
C TYR A 352 -27.98 5.24 9.26
N ASP A 353 -28.48 6.07 10.07
CA ASP A 353 -28.77 7.43 9.57
C ASP A 353 -27.49 8.18 9.94
N ILE A 354 -26.52 8.22 9.03
CA ILE A 354 -25.16 8.67 9.38
C ILE A 354 -25.17 10.13 9.85
N GLU A 355 -26.00 10.99 9.21
CA GLU A 355 -26.08 12.37 9.69
C GLU A 355 -26.62 12.47 11.14
N ALA A 356 -27.64 11.71 11.46
CA ALA A 356 -28.20 11.75 12.80
C ALA A 356 -27.25 11.16 13.81
N ARG A 357 -26.62 10.04 13.44
CA ARG A 357 -25.69 9.40 14.40
C ARG A 357 -24.55 10.36 14.77
N THR A 358 -23.97 10.99 13.75
CA THR A 358 -22.81 11.86 13.99
C THR A 358 -23.22 13.19 14.63
N GLU A 359 -24.45 13.67 14.35
CA GLU A 359 -24.91 14.89 15.05
C GLU A 359 -25.07 14.59 16.56
N ASN A 360 -25.55 13.40 16.89
CA ASN A 360 -25.70 13.02 18.29
C ASN A 360 -24.32 12.87 18.96
N MET A 361 -23.37 12.22 18.27
CA MET A 361 -21.99 12.13 18.77
C MET A 361 -21.40 13.52 19.04
N GLN A 362 -21.53 14.42 18.07
CA GLN A 362 -21.04 15.78 18.25
C GLN A 362 -21.63 16.45 19.50
N ALA A 363 -22.91 16.34 19.65
CA ALA A 363 -23.62 16.96 20.77
C ALA A 363 -23.13 16.46 22.12
N ILE A 364 -22.95 15.13 22.21
CA ILE A 364 -22.45 14.54 23.45
C ILE A 364 -21.00 14.94 23.75
N MET A 365 -20.13 14.83 22.75
CA MET A 365 -18.71 15.16 22.92
C MET A 365 -18.57 16.65 23.31
N ASN A 366 -19.34 17.53 22.67
CA ASN A 366 -19.31 18.96 22.99
C ASN A 366 -19.72 19.22 24.43
N GLU A 367 -20.84 18.63 24.83
CA GLU A 367 -21.33 18.81 26.20
C GLU A 367 -20.31 18.28 27.23
N GLN A 368 -19.79 17.11 26.98
CA GLN A 368 -18.91 16.47 27.97
C GLN A 368 -17.51 17.02 28.04
N LEU A 369 -17.00 17.48 26.91
CA LEU A 369 -15.63 17.96 26.84
C LEU A 369 -15.47 19.48 26.99
N ALA A 370 -16.54 20.26 26.78
CA ALA A 370 -16.48 21.73 26.89
C ALA A 370 -15.84 22.23 28.17
N PRO A 371 -16.08 21.54 29.31
CA PRO A 371 -15.42 22.05 30.53
C PRO A 371 -13.90 22.04 30.56
N ALA A 372 -13.26 21.32 29.63
CA ALA A 372 -11.83 21.32 29.53
C ALA A 372 -11.25 22.72 29.34
N VAL A 373 -12.03 23.61 28.71
CA VAL A 373 -11.50 24.95 28.44
C VAL A 373 -11.18 25.74 29.70
N SER A 374 -11.72 25.26 30.82
CA SER A 374 -11.44 25.94 32.09
C SER A 374 -10.15 25.55 32.71
N LEU A 375 -9.50 24.51 32.20
CA LEU A 375 -8.18 24.04 32.65
C LEU A 375 -7.02 24.88 32.10
N GLU A 376 -6.13 25.35 33.01
CA GLU A 376 -4.89 25.91 32.63
CA GLU A 376 -5.06 26.27 32.61
C GLU A 376 -4.17 24.80 31.93
C GLU A 376 -4.36 26.23 31.16
N GLY A 377 -3.76 25.14 30.79
CA GLY A 377 -2.99 24.67 29.70
C GLY A 377 -3.79 24.06 28.56
N VAL A 378 -5.11 24.23 28.58
CA VAL A 378 -5.96 23.96 27.43
C VAL A 378 -6.15 25.26 26.66
N LYS A 379 -5.93 25.23 25.34
CA LYS A 379 -6.17 26.35 24.49
C LYS A 379 -7.64 26.43 24.12
N GLU A 380 -8.14 25.38 23.50
CA GLU A 380 -9.58 25.33 23.10
C GLU A 380 -10.03 23.90 22.92
N VAL A 381 -11.35 23.76 22.79
CA VAL A 381 -11.97 22.47 22.48
C VAL A 381 -12.81 22.73 21.21
N ARG A 382 -12.72 21.82 20.24
CA ARG A 382 -13.57 21.92 19.02
C ARG A 382 -14.06 20.56 18.63
N CYS A 383 -15.34 20.48 18.29
CA CYS A 383 -15.97 19.24 17.90
C CYS A 383 -16.72 19.46 16.58
N LEU A 384 -16.68 18.47 15.70
CA LEU A 384 -17.41 18.48 14.43
C LEU A 384 -17.71 17.05 14.04
N GLY A 385 -19.00 16.73 13.89
CA GLY A 385 -19.42 15.37 13.56
C GLY A 385 -18.86 14.41 14.60
N ALA A 386 -18.11 13.42 14.11
CA ALA A 386 -17.58 12.37 14.99
C ALA A 386 -16.08 12.60 15.27
N VAL A 387 -15.70 13.88 15.44
CA VAL A 387 -14.35 14.23 15.82
C VAL A 387 -14.40 15.28 16.97
N ALA A 388 -13.60 15.05 17.99
CA ALA A 388 -13.41 16.02 19.10
C ALA A 388 -11.94 16.24 19.38
N VAL A 389 -11.57 17.53 19.54
CA VAL A 389 -10.21 17.91 19.75
C VAL A 389 -10.11 18.80 20.98
N ILE A 390 -9.21 18.41 21.88
CA ILE A 390 -8.77 19.28 23.00
C ILE A 390 -7.37 19.73 22.60
N GLU A 391 -7.21 20.99 22.23
CA GLU A 391 -5.91 21.50 21.83
C GLU A 391 -5.28 22.15 23.08
N LEU A 392 -4.08 21.68 23.38
CA LEU A 392 -3.33 22.17 24.57
C LEU A 392 -2.36 23.26 24.13
N ASN A 393 -1.89 24.04 25.10
CA ASN A 393 -0.93 25.10 24.84
C ASN A 393 0.47 24.60 24.49
N GLU A 394 0.87 23.46 25.05
CA GLU A 394 2.21 22.93 24.84
C GLU A 394 2.09 21.49 24.36
N ALA A 395 3.13 21.05 23.64
CA ALA A 395 3.18 19.70 23.12
C ALA A 395 2.96 18.68 24.23
N VAL A 396 2.25 17.59 23.90
CA VAL A 396 1.96 16.59 24.90
C VAL A 396 3.27 15.81 25.15
N ASP A 397 3.64 15.72 26.43
CA ASP A 397 4.74 14.89 26.92
C ASP A 397 4.20 13.44 27.02
N MET A 398 4.55 12.64 26.02
CA MET A 398 3.85 11.38 25.84
C MET A 398 4.10 10.32 26.92
N PRO A 399 5.33 10.17 27.44
CA PRO A 399 5.52 9.23 28.53
C PRO A 399 4.60 9.55 29.74
N ILE A 400 4.50 10.83 30.12
CA ILE A 400 3.59 11.21 31.26
C ILE A 400 2.15 10.80 30.92
N PHE A 401 1.70 11.29 29.76
CA PHE A 401 0.37 10.98 29.29
C PHE A 401 0.06 9.47 29.29
N GLN A 402 1.06 8.67 28.84
CA GLN A 402 0.79 7.22 28.79
C GLN A 402 0.47 6.61 30.15
N THR A 403 1.12 7.12 31.19
CA THR A 403 0.92 6.55 32.50
C THR A 403 -0.50 6.80 33.06
N LEU A 404 -1.40 7.55 32.40
CA LEU A 404 -2.76 7.79 32.89
C LEU A 404 -3.86 7.00 32.17
N LEU A 405 -3.46 6.37 31.03
CA LEU A 405 -4.49 5.72 30.16
C LEU A 405 -5.13 4.54 30.72
N ILE A 406 -4.28 3.59 31.15
CA ILE A 406 -4.74 2.27 31.46
C ILE A 406 -5.70 2.35 32.62
N ASN A 407 -5.31 3.10 33.67
CA ASN A 407 -6.09 3.15 34.87
C ASN A 407 -7.45 3.81 34.69
N ASN A 408 -7.60 4.60 33.59
CA ASN A 408 -8.86 5.21 33.30
C ASN A 408 -9.67 4.50 32.18
N GLY A 409 -9.22 3.32 31.77
CA GLY A 409 -10.02 2.45 30.92
C GLY A 409 -10.13 2.91 29.48
N ILE A 410 -9.22 3.79 29.03
CA ILE A 410 -9.32 4.31 27.64
C ILE A 410 -7.99 4.28 26.91
N TRP A 411 -8.09 4.29 25.57
CA TRP A 411 -6.94 4.38 24.72
C TRP A 411 -7.15 5.58 23.79
N VAL A 412 -6.20 6.53 23.88
CA VAL A 412 -6.17 7.73 23.07
C VAL A 412 -4.71 7.92 22.72
N ARG A 413 -4.47 8.45 21.53
CA ARG A 413 -3.13 8.65 21.01
C ARG A 413 -2.90 10.10 20.59
N PRO A 414 -2.44 10.97 21.52
CA PRO A 414 -2.15 12.37 21.12
C PRO A 414 -1.09 12.50 20.08
N PHE A 415 -1.07 13.64 19.42
CA PHE A 415 0.06 14.05 18.60
C PHE A 415 0.25 15.56 18.77
N GLY A 416 1.48 16.02 18.78
CA GLY A 416 1.75 17.46 18.92
C GLY A 416 1.10 17.99 20.20
N LYS A 417 0.29 19.02 20.05
CA LYS A 417 -0.46 19.62 21.13
C LYS A 417 -1.89 19.11 21.21
N LEU A 418 -2.21 18.12 20.41
CA LEU A 418 -3.56 17.67 20.28
C LEU A 418 -3.95 16.33 20.95
N VAL A 419 -4.96 16.44 21.78
CA VAL A 419 -5.63 15.31 22.42
C VAL A 419 -6.98 15.19 21.78
N TYR A 420 -7.14 14.20 20.89
CA TYR A 420 -8.33 14.14 20.05
C TYR A 420 -8.86 12.69 19.98
N ILE A 421 -10.12 12.59 19.69
CA ILE A 421 -10.85 11.33 19.55
C ILE A 421 -11.69 11.34 18.30
N MET A 422 -11.81 10.15 17.74
CA MET A 422 -12.57 9.88 16.55
C MET A 422 -13.30 8.54 16.77
N PRO A 423 -14.32 8.54 17.64
CA PRO A 423 -14.91 7.27 18.11
C PRO A 423 -15.71 6.61 17.00
N PRO A 424 -16.02 5.32 17.16
CA PRO A 424 -16.86 4.66 16.17
C PRO A 424 -18.34 5.03 16.19
N TYR A 425 -19.04 4.84 15.05
CA TYR A 425 -20.44 5.26 14.92
C TYR A 425 -21.35 4.32 15.70
N VAL A 426 -20.87 3.13 16.06
CA VAL A 426 -21.65 2.22 16.86
C VAL A 426 -21.65 2.54 18.37
N ILE A 427 -20.84 3.50 18.80
CA ILE A 427 -20.72 3.78 20.24
C ILE A 427 -22.07 4.23 20.86
N THR A 428 -22.44 3.66 22.00
CA THR A 428 -23.70 4.09 22.64
C THR A 428 -23.52 5.44 23.36
N ASP A 429 -24.65 6.04 23.73
CA ASP A 429 -24.57 7.29 24.47
C ASP A 429 -23.77 7.11 25.77
N ASP A 430 -24.03 6.02 26.49
CA ASP A 430 -23.37 5.78 27.77
C ASP A 430 -21.89 5.47 27.58
N GLU A 431 -21.56 4.70 26.53
CA GLU A 431 -20.15 4.42 26.23
C GLU A 431 -19.40 5.71 25.88
N LEU A 432 -20.03 6.55 25.10
CA LEU A 432 -19.39 7.79 24.66
C LEU A 432 -19.20 8.74 25.84
N THR A 433 -20.20 8.78 26.71
CA THR A 433 -20.11 9.56 27.97
C THR A 433 -18.96 9.06 28.84
N THR A 434 -18.86 7.74 28.98
CA THR A 434 -17.76 7.16 29.73
C THR A 434 -16.38 7.58 29.17
N LEU A 435 -16.26 7.45 27.85
CA LEU A 435 -15.04 7.85 27.17
C LEU A 435 -14.66 9.30 27.40
N CYS A 436 -15.65 10.18 27.27
CA CYS A 436 -15.36 11.64 27.37
C CYS A 436 -15.03 12.04 28.83
N GLN A 437 -15.72 11.41 29.79
CA GLN A 437 -15.48 11.73 31.24
C GLN A 437 -14.07 11.25 31.65
N ALA A 438 -13.70 10.08 31.14
CA ALA A 438 -12.37 9.56 31.36
C ALA A 438 -11.30 10.43 30.73
N LEU A 439 -11.56 10.86 29.49
CA LEU A 439 -10.61 11.71 28.83
C LEU A 439 -10.36 13.04 29.62
N LEU A 440 -11.44 13.63 30.10
CA LEU A 440 -11.33 14.89 30.85
C LEU A 440 -10.53 14.67 32.16
N LYS A 441 -10.69 13.49 32.75
CA LYS A 441 -9.91 13.13 33.99
C LYS A 441 -8.39 12.96 33.67
N VAL A 442 -8.10 12.28 32.56
CA VAL A 442 -6.73 12.12 32.08
C VAL A 442 -6.08 13.48 31.79
N VAL A 443 -6.77 14.33 30.98
CA VAL A 443 -6.19 15.60 30.60
C VAL A 443 -5.87 16.47 31.85
N SER A 444 -6.79 16.54 32.76
CA SER A 444 -6.66 17.33 33.94
C SER A 444 -5.43 16.89 34.77
N SER A 445 -5.24 15.56 34.92
CA SER A 445 -4.17 15.02 35.75
C SER A 445 -2.83 15.23 35.00
N TYR A 446 -2.86 15.07 33.69
CA TYR A 446 -1.66 15.32 32.91
C TYR A 446 -1.16 16.76 33.03
N LEU A 447 -2.05 17.73 32.89
CA LEU A 447 -1.61 19.12 32.90
C LEU A 447 -0.92 19.60 34.18
N THR A 448 -1.46 19.18 35.33
CA THR A 448 -0.80 19.48 36.66
C THR A 448 0.54 18.73 36.97
N ARG A 449 0.71 17.57 36.35
CA ARG A 449 1.92 16.84 36.43
C ARG A 449 2.98 17.39 35.55
N LYS A 450 2.57 17.80 34.33
CA LYS A 450 3.43 18.48 33.44
C LYS A 450 3.89 19.78 34.12
N GLY B 19 -7.41 -25.98 -32.75
CA GLY B 19 -8.39 -25.44 -33.74
C GLY B 19 -9.59 -24.73 -33.12
N HIS B 20 -9.35 -23.73 -32.25
CA HIS B 20 -10.44 -22.95 -31.69
C HIS B 20 -10.07 -21.52 -31.25
N MET B 21 -11.14 -20.75 -31.04
CA MET B 21 -11.13 -19.41 -30.46
C MET B 21 -12.35 -19.27 -29.54
N THR B 22 -12.10 -18.69 -28.35
CA THR B 22 -13.09 -18.56 -27.35
C THR B 22 -13.30 -17.10 -27.07
N THR B 23 -14.58 -16.78 -26.92
CA THR B 23 -15.09 -15.42 -26.85
C THR B 23 -15.72 -15.31 -25.48
N VAL B 24 -15.17 -14.39 -24.68
CA VAL B 24 -15.70 -14.14 -23.33
C VAL B 24 -16.73 -13.00 -23.32
N SER B 25 -17.58 -13.13 -22.32
CA SER B 25 -18.73 -12.29 -22.14
C SER B 25 -18.30 -11.11 -21.25
N THR B 26 -18.76 -9.94 -21.64
CA THR B 26 -18.32 -8.69 -21.06
C THR B 26 -19.22 -8.33 -19.93
N ASN B 27 -18.60 -8.02 -18.76
CA ASN B 27 -19.35 -7.39 -17.65
C ASN B 27 -19.33 -5.92 -17.93
N ASP B 28 -20.52 -5.37 -18.22
CA ASP B 28 -20.62 -4.02 -18.74
C ASP B 28 -20.11 -2.97 -17.66
N PHE B 29 -20.37 -3.25 -16.39
CA PHE B 29 -19.99 -2.33 -15.34
C PHE B 29 -18.44 -2.24 -15.25
N ASP B 30 -17.79 -3.40 -15.17
CA ASP B 30 -16.33 -3.44 -15.14
C ASP B 30 -15.74 -2.67 -16.32
N GLN B 31 -16.27 -2.97 -17.52
CA GLN B 31 -15.75 -2.46 -18.76
C GLN B 31 -15.80 -0.96 -18.81
N GLN B 32 -16.83 -0.36 -18.24
CA GLN B 32 -16.97 1.11 -18.30
C GLN B 32 -16.38 1.88 -17.11
N HIS B 33 -16.36 1.25 -15.91
CA HIS B 33 -16.13 1.99 -14.68
C HIS B 33 -14.84 1.64 -13.90
N LEU B 34 -14.27 0.45 -14.15
CA LEU B 34 -13.13 0.01 -13.32
C LEU B 34 -11.80 -0.06 -14.08
N TRP B 35 -10.86 0.75 -13.65
CA TRP B 35 -9.49 0.61 -14.14
C TRP B 35 -8.84 -0.71 -13.72
N HIS B 36 -8.05 -1.24 -14.63
CA HIS B 36 -7.22 -2.40 -14.33
C HIS B 36 -5.79 -2.02 -14.64
N PRO B 37 -4.81 -2.79 -14.19
CA PRO B 37 -3.41 -2.30 -14.20
C PRO B 37 -2.89 -1.91 -15.63
C PRO B 37 -2.85 -1.83 -15.44
N TYR B 38 -3.09 -2.66 -16.78
N TYR B 38 -2.19 -0.64 -15.41
CA TYR B 38 -2.42 -2.40 -18.21
CA TYR B 38 -1.58 -0.13 -16.63
C TYR B 38 -3.39 -2.17 -19.45
C TYR B 38 -2.52 -0.33 -17.90
N ALA B 39 -4.41 -1.41 -19.15
N ALA B 39 -3.78 0.11 -17.81
CA ALA B 39 -5.49 -1.17 -20.03
CA ALA B 39 -4.81 -0.25 -18.84
C ALA B 39 -6.01 0.19 -19.58
C ALA B 39 -5.62 0.94 -19.35
N SER B 40 -6.33 0.91 -20.57
CA SER B 40 -7.30 2.01 -20.71
C SER B 40 -8.72 1.69 -20.20
N LEU B 41 -9.53 2.74 -20.18
CA LEU B 41 -10.89 2.64 -19.68
C LEU B 41 -11.88 3.33 -20.64
N PRO B 42 -12.79 2.60 -21.33
CA PRO B 42 -12.83 1.15 -21.39
C PRO B 42 -11.62 0.52 -22.07
N PRO B 43 -11.31 -0.76 -21.73
CA PRO B 43 -10.27 -1.49 -22.37
C PRO B 43 -10.77 -1.92 -23.77
N THR B 44 -9.88 -2.18 -24.66
CA THR B 44 -10.25 -2.68 -26.02
C THR B 44 -10.89 -4.08 -26.01
N TYR B 45 -10.52 -4.88 -25.01
CA TYR B 45 -10.99 -6.25 -24.87
C TYR B 45 -11.34 -6.43 -23.40
N PRO B 46 -12.50 -7.05 -23.14
CA PRO B 46 -12.99 -7.12 -21.81
C PRO B 46 -12.21 -8.08 -20.88
N ASN B 47 -12.33 -7.83 -19.60
CA ASN B 47 -11.81 -8.72 -18.57
C ASN B 47 -12.71 -9.92 -18.35
N ILE B 48 -12.08 -11.07 -18.05
CA ILE B 48 -12.79 -12.31 -17.76
C ILE B 48 -13.21 -12.27 -16.26
N VAL B 49 -14.49 -12.49 -16.03
CA VAL B 49 -15.00 -12.54 -14.67
C VAL B 49 -14.62 -13.90 -14.03
N ILE B 50 -13.88 -13.81 -12.91
CA ILE B 50 -13.51 -15.01 -12.14
C ILE B 50 -14.48 -15.13 -10.96
N ASP B 51 -15.06 -16.30 -10.77
CA ASP B 51 -15.98 -16.56 -9.68
C ASP B 51 -15.32 -17.04 -8.37
N ARG B 52 -14.33 -17.91 -8.50
CA ARG B 52 -13.73 -18.54 -7.34
C ARG B 52 -12.43 -19.19 -7.83
N ALA B 53 -11.68 -19.74 -6.89
CA ALA B 53 -10.41 -20.38 -7.22
C ALA B 53 -10.18 -21.52 -6.21
N GLU B 54 -9.34 -22.47 -6.59
CA GLU B 54 -9.03 -23.60 -5.74
C GLU B 54 -7.79 -24.30 -6.27
N GLY B 55 -6.86 -24.61 -5.39
CA GLY B 55 -5.66 -25.24 -5.83
C GLY B 55 -4.88 -24.38 -6.79
N ILE B 56 -4.50 -24.94 -7.91
CA ILE B 56 -3.77 -24.17 -8.92
C ILE B 56 -4.68 -23.44 -9.91
N TYR B 57 -6.01 -23.64 -9.73
CA TYR B 57 -7.01 -23.21 -10.71
C TYR B 57 -7.75 -21.90 -10.30
N ILE B 58 -8.03 -21.08 -11.30
CA ILE B 58 -9.03 -20.05 -11.23
C ILE B 58 -10.23 -20.51 -12.05
N VAL B 59 -11.44 -20.07 -11.65
CA VAL B 59 -12.67 -20.62 -12.23
C VAL B 59 -13.51 -19.49 -12.69
N THR B 60 -13.85 -19.51 -14.00
CA THR B 60 -14.61 -18.40 -14.59
C THR B 60 -16.06 -18.50 -14.14
N GLU B 61 -16.77 -17.40 -14.38
CA GLU B 61 -18.19 -17.27 -14.03
C GLU B 61 -19.00 -18.40 -14.68
N ASP B 62 -18.57 -18.88 -15.84
CA ASP B 62 -19.23 -20.01 -16.50
C ASP B 62 -18.78 -21.44 -16.10
N GLY B 63 -17.79 -21.55 -15.23
CA GLY B 63 -17.45 -22.81 -14.69
C GLY B 63 -16.12 -23.37 -15.26
N THR B 64 -15.51 -22.65 -16.18
CA THR B 64 -14.26 -23.06 -16.83
C THR B 64 -13.08 -22.92 -15.86
N ARG B 65 -12.38 -24.01 -15.62
CA ARG B 65 -11.18 -24.02 -14.76
C ARG B 65 -9.94 -23.77 -15.62
N LEU B 66 -9.06 -22.92 -15.13
CA LEU B 66 -7.83 -22.55 -15.84
C LEU B 66 -6.68 -22.69 -14.85
N ILE B 67 -5.63 -23.38 -15.26
CA ILE B 67 -4.42 -23.37 -14.44
C ILE B 67 -3.82 -21.97 -14.50
N ASP B 68 -3.66 -21.33 -13.34
CA ASP B 68 -2.99 -20.04 -13.32
C ASP B 68 -1.47 -20.22 -13.34
N GLY B 69 -0.86 -20.05 -14.51
CA GLY B 69 0.54 -20.19 -14.61
C GLY B 69 1.36 -19.03 -13.97
N MET B 70 0.69 -17.96 -13.58
CA MET B 70 1.30 -16.75 -13.08
C MET B 70 1.37 -16.64 -11.57
N SER B 71 0.68 -17.55 -10.86
CA SER B 71 0.47 -17.43 -9.41
C SER B 71 0.03 -16.02 -9.04
N SER B 72 -0.93 -15.47 -9.78
CA SER B 72 -1.42 -14.11 -9.53
C SER B 72 -0.30 -13.09 -9.35
N TRP B 73 0.62 -13.07 -10.32
CA TRP B 73 1.76 -12.18 -10.35
C TRP B 73 2.73 -12.52 -9.20
N TRP B 74 3.20 -13.79 -9.19
CA TRP B 74 4.34 -14.21 -8.39
C TRP B 74 3.98 -14.61 -6.98
N ALA B 75 2.78 -14.30 -6.49
CA ALA B 75 2.51 -14.26 -5.06
C ALA B 75 1.77 -15.50 -4.52
N SER B 76 0.93 -16.12 -5.34
CA SER B 76 0.05 -17.16 -4.87
C SER B 76 0.78 -18.52 -4.90
N VAL B 77 1.87 -18.59 -4.13
CA VAL B 77 2.79 -19.69 -4.22
C VAL B 77 2.28 -20.99 -3.62
N HIS B 78 1.23 -20.91 -2.80
CA HIS B 78 0.55 -22.12 -2.26
C HIS B 78 -0.75 -22.45 -2.99
N GLY B 79 -0.98 -21.79 -4.11
CA GLY B 79 -2.25 -21.83 -4.79
C GLY B 79 -3.34 -21.05 -4.09
N TYR B 80 -4.55 -21.33 -4.48
CA TYR B 80 -5.73 -20.62 -4.02
C TYR B 80 -6.53 -21.43 -3.00
N ASN B 81 -7.22 -20.74 -2.11
CA ASN B 81 -8.17 -21.39 -1.21
C ASN B 81 -7.46 -22.50 -0.45
N HIS B 82 -6.26 -22.16 0.05
CA HIS B 82 -5.48 -23.12 0.84
C HIS B 82 -6.05 -23.27 2.22
N PRO B 83 -6.31 -24.52 2.64
CA PRO B 83 -6.95 -24.67 3.94
C PRO B 83 -6.19 -24.15 5.13
N LYS B 84 -4.87 -24.26 5.09
CA LYS B 84 -4.04 -23.78 6.21
C LYS B 84 -4.01 -22.25 6.25
N LEU B 85 -3.87 -21.62 5.08
CA LEU B 85 -3.93 -20.19 4.99
C LEU B 85 -5.27 -19.64 5.42
N ASN B 86 -6.33 -20.29 4.98
CA ASN B 86 -7.66 -19.86 5.34
C ASN B 86 -7.89 -19.97 6.86
N ALA B 87 -7.47 -21.09 7.42
CA ALA B 87 -7.66 -21.28 8.86
C ALA B 87 -6.85 -20.24 9.68
N ALA B 88 -5.66 -19.89 9.20
CA ALA B 88 -4.80 -18.95 9.90
C ALA B 88 -5.44 -17.55 9.85
N MET B 89 -6.00 -17.21 8.69
CA MET B 89 -6.72 -15.92 8.54
C MET B 89 -7.92 -15.86 9.53
N ILE B 90 -8.69 -16.94 9.54
CA ILE B 90 -9.91 -16.98 10.34
C ILE B 90 -9.60 -16.98 11.83
N GLU B 91 -8.57 -17.69 12.23
CA GLU B 91 -8.15 -17.68 13.67
C GLU B 91 -7.84 -16.26 14.13
N GLN B 92 -7.09 -15.54 13.31
CA GLN B 92 -6.79 -14.17 13.66
C GLN B 92 -8.05 -13.27 13.64
N LEU B 93 -8.89 -13.45 12.63
CA LEU B 93 -10.12 -12.67 12.53
C LEU B 93 -10.93 -12.70 13.82
N GLY B 94 -10.98 -13.87 14.48
CA GLY B 94 -11.78 -14.01 15.69
C GLY B 94 -11.24 -13.22 16.89
N LYS B 95 -9.99 -12.85 16.82
CA LYS B 95 -9.35 -12.06 17.84
C LYS B 95 -9.43 -10.56 17.49
N MET B 96 -8.84 -10.20 16.36
CA MET B 96 -9.02 -8.88 15.71
C MET B 96 -8.42 -8.93 14.32
N ALA B 97 -9.18 -8.39 13.35
CA ALA B 97 -8.66 -8.24 12.01
C ALA B 97 -7.47 -7.24 11.99
N HIS B 98 -7.66 -6.17 12.74
CA HIS B 98 -6.74 -5.06 12.74
C HIS B 98 -6.80 -4.32 14.06
N VAL B 99 -5.63 -3.84 14.48
CA VAL B 99 -5.55 -2.78 15.52
C VAL B 99 -4.40 -1.89 15.14
N MET B 100 -4.50 -0.60 15.49
CA MET B 100 -3.42 0.35 15.17
C MET B 100 -2.12 -0.04 15.86
N PHE B 101 -1.01 0.29 15.16
CA PHE B 101 0.34 -0.02 15.65
C PHE B 101 1.02 1.14 16.35
N GLY B 102 0.32 2.26 16.53
CA GLY B 102 0.89 3.38 17.31
C GLY B 102 0.66 3.20 18.78
N GLY B 103 1.74 2.85 19.47
CA GLY B 103 1.74 2.65 20.89
C GLY B 103 1.31 1.27 21.30
N LEU B 104 0.95 0.42 20.31
CA LEU B 104 0.38 -0.91 20.55
C LEU B 104 1.12 -1.90 19.68
N THR B 105 1.20 -3.15 20.16
CA THR B 105 1.72 -4.26 19.35
C THR B 105 0.83 -5.47 19.59
N HIS B 106 1.17 -6.59 18.93
CA HIS B 106 0.33 -7.76 19.01
C HIS B 106 1.20 -9.02 18.66
N GLN B 107 0.68 -10.16 19.08
CA GLN B 107 1.40 -11.40 18.89
C GLN B 107 1.70 -11.82 17.44
N PRO B 108 0.78 -11.54 16.48
CA PRO B 108 1.13 -11.89 15.09
C PRO B 108 2.35 -11.14 14.61
N ALA B 109 2.45 -9.85 14.99
CA ALA B 109 3.60 -9.07 14.54
C ALA B 109 4.90 -9.66 15.13
N ILE B 110 4.84 -10.02 16.42
CA ILE B 110 5.99 -10.61 17.13
C ILE B 110 6.36 -11.97 16.55
N ASP B 111 5.36 -12.81 16.36
CA ASP B 111 5.63 -14.16 15.87
C ASP B 111 6.16 -14.17 14.42
N LEU B 112 5.59 -13.30 13.59
CA LEU B 112 6.10 -13.16 12.24
C LEU B 112 7.55 -12.64 12.27
N GLY B 113 7.79 -11.66 13.13
CA GLY B 113 9.13 -11.07 13.16
C GLY B 113 10.18 -12.11 13.55
N LYS B 114 9.85 -12.92 14.55
CA LYS B 114 10.79 -13.98 15.00
C LYS B 114 11.03 -14.97 13.82
N LYS B 115 9.95 -15.34 13.13
CA LYS B 115 10.07 -16.27 12.02
C LYS B 115 10.97 -15.67 10.93
N LEU B 116 10.74 -14.41 10.57
CA LEU B 116 11.53 -13.78 9.54
C LEU B 116 13.01 -13.72 9.95
N LEU B 117 13.30 -13.28 11.17
CA LEU B 117 14.72 -13.16 11.53
C LEU B 117 15.46 -14.54 11.54
N SER B 118 14.72 -15.61 11.74
CA SER B 118 15.28 -16.96 11.72
C SER B 118 15.68 -17.47 10.32
N ILE B 119 15.12 -16.85 9.27
CA ILE B 119 15.28 -17.35 7.92
C ILE B 119 16.00 -16.40 6.91
N VAL B 120 15.89 -15.11 7.12
CA VAL B 120 16.47 -14.14 6.23
C VAL B 120 18.01 -14.11 6.32
N PRO B 121 18.68 -13.47 5.33
CA PRO B 121 20.13 -13.43 5.36
C PRO B 121 20.65 -12.83 6.65
N ALA B 122 21.76 -13.43 7.10
CA ALA B 122 22.37 -13.05 8.37
C ALA B 122 22.64 -11.56 8.43
N GLY B 123 22.44 -11.01 9.61
CA GLY B 123 22.67 -9.62 9.89
C GLY B 123 21.46 -8.74 9.83
N LEU B 124 20.39 -9.19 9.14
CA LEU B 124 19.16 -8.40 9.14
C LEU B 124 18.51 -8.62 10.51
N ASP B 125 18.17 -7.53 11.16
CA ASP B 125 17.76 -7.56 12.57
C ASP B 125 16.57 -6.68 12.95
N ALA B 126 16.16 -5.74 12.13
CA ALA B 126 15.08 -4.76 12.42
C ALA B 126 14.10 -4.84 11.26
N ILE B 127 12.83 -4.73 11.59
CA ILE B 127 11.75 -4.97 10.62
C ILE B 127 10.78 -3.79 10.67
N PHE B 128 10.47 -3.25 9.48
CA PHE B 128 9.45 -2.20 9.27
C PHE B 128 8.36 -2.85 8.45
N TYR B 129 7.21 -3.14 9.03
CA TYR B 129 6.11 -3.68 8.23
C TYR B 129 5.43 -2.61 7.40
N ALA B 130 5.07 -2.98 6.17
CA ALA B 130 4.55 -2.07 5.17
C ALA B 130 3.26 -2.59 4.54
N ASP B 131 2.51 -1.68 3.96
CA ASP B 131 1.21 -2.08 3.35
C ASP B 131 1.35 -2.69 1.96
N SER B 132 2.44 -2.43 1.26
CA SER B 132 2.63 -2.96 -0.10
C SER B 132 4.12 -2.95 -0.42
N GLY B 133 4.47 -3.63 -1.52
CA GLY B 133 5.85 -3.69 -1.92
C GLY B 133 6.40 -2.32 -2.24
N SER B 134 5.61 -1.49 -2.95
CA SER B 134 6.10 -0.16 -3.33
C SER B 134 6.38 0.68 -2.06
N ILE B 135 5.55 0.57 -1.05
CA ILE B 135 5.78 1.31 0.20
C ILE B 135 7.01 0.74 0.88
N ALA B 136 7.20 -0.59 0.85
CA ALA B 136 8.43 -1.16 1.42
C ALA B 136 9.73 -0.56 0.79
N VAL B 137 9.70 -0.41 -0.52
CA VAL B 137 10.78 0.19 -1.25
C VAL B 137 10.96 1.64 -0.83
N GLU B 138 9.84 2.40 -0.77
CA GLU B 138 9.93 3.80 -0.35
C GLU B 138 10.57 3.91 1.05
N VAL B 139 10.20 3.01 1.93
CA VAL B 139 10.78 2.99 3.28
C VAL B 139 12.28 2.61 3.26
N ALA B 140 12.66 1.67 2.43
CA ALA B 140 14.07 1.28 2.25
C ALA B 140 14.94 2.50 1.85
N LEU B 141 14.44 3.25 0.90
CA LEU B 141 15.16 4.44 0.38
C LEU B 141 15.26 5.51 1.48
N LYS B 142 14.16 5.73 2.20
CA LYS B 142 14.16 6.67 3.35
C LYS B 142 15.15 6.26 4.43
N MET B 143 15.18 4.96 4.79
CA MET B 143 16.12 4.45 5.77
C MET B 143 17.55 4.75 5.34
N ALA B 144 17.86 4.46 4.09
CA ALA B 144 19.18 4.70 3.59
C ALA B 144 19.56 6.17 3.68
N LEU B 145 18.66 7.06 3.26
CA LEU B 145 18.94 8.52 3.36
C LEU B 145 19.17 8.99 4.78
N GLN B 146 18.27 8.59 5.68
CA GLN B 146 18.39 8.96 7.11
C GLN B 146 19.65 8.37 7.73
N TYR B 147 20.04 7.18 7.29
CA TYR B 147 21.24 6.56 7.80
C TYR B 147 22.47 7.39 7.47
N GLN B 148 22.58 7.81 6.19
CA GLN B 148 23.75 8.58 5.77
C GLN B 148 23.79 9.94 6.46
N ILE B 149 22.62 10.55 6.69
CA ILE B 149 22.57 11.84 7.38
C ILE B 149 23.08 11.63 8.82
N ALA B 150 22.59 10.57 9.48
CA ALA B 150 23.05 10.19 10.84
C ALA B 150 24.53 9.85 10.92
N ALA B 151 25.04 9.23 9.86
CA ALA B 151 26.47 8.90 9.74
C ALA B 151 27.34 10.11 9.36
N LYS B 152 26.75 11.29 9.21
CA LYS B 152 27.46 12.52 8.88
C LYS B 152 28.04 12.46 7.47
N ARG B 153 27.33 11.77 6.58
CA ARG B 153 27.71 11.75 5.17
C ARG B 153 26.53 12.30 4.38
N PRO B 154 26.16 13.54 4.63
CA PRO B 154 24.97 14.06 3.96
C PRO B 154 25.05 14.24 2.42
N SER B 155 26.27 14.20 1.85
CA SER B 155 26.43 14.18 0.39
C SER B 155 25.94 12.87 -0.22
N LYS B 156 25.84 11.82 0.61
CA LYS B 156 25.33 10.53 0.16
C LYS B 156 23.80 10.58 0.21
N CYS B 157 23.22 11.16 -0.86
CA CYS B 157 21.81 11.51 -0.95
C CYS B 157 21.15 11.00 -2.23
N GLN B 158 21.86 10.22 -3.04
CA GLN B 158 21.33 9.66 -4.28
C GLN B 158 21.40 8.11 -4.27
N PHE B 159 20.77 7.51 -5.25
CA PHE B 159 20.79 6.08 -5.38
C PHE B 159 21.29 5.67 -6.75
N ALA B 160 21.83 4.47 -6.81
CA ALA B 160 22.18 3.81 -8.04
C ALA B 160 21.43 2.50 -8.23
N SER B 161 21.29 2.11 -9.50
CA SER B 161 20.82 0.78 -9.87
C SER B 161 21.42 0.43 -11.25
N THR B 162 21.16 -0.78 -11.70
CA THR B 162 21.45 -1.19 -13.03
C THR B 162 20.36 -0.66 -14.00
N HIS B 163 20.70 -0.62 -15.29
CA HIS B 163 19.73 -0.19 -16.33
C HIS B 163 18.38 -0.88 -16.55
N SER B 164 18.18 -2.13 -16.09
CA SER B 164 17.00 -3.00 -16.34
C SER B 164 16.13 -3.35 -15.06
N GLY B 165 16.07 -2.47 -14.11
CA GLY B 165 15.40 -2.85 -12.86
C GLY B 165 13.96 -2.49 -12.81
N TYR B 166 13.25 -3.03 -11.79
CA TYR B 166 11.90 -2.61 -11.34
C TYR B 166 11.68 -2.72 -9.85
N TYR B 167 11.15 -1.67 -9.20
CA TYR B 167 11.06 -1.61 -7.70
C TYR B 167 9.71 -1.06 -7.21
N GLY B 168 8.68 -1.05 -8.06
CA GLY B 168 7.34 -0.51 -7.65
C GLY B 168 7.00 0.73 -8.44
N ASP B 169 5.76 1.25 -8.25
CA ASP B 169 5.16 2.32 -9.08
C ASP B 169 4.94 3.67 -8.36
N THR B 170 5.29 3.75 -7.08
CA THR B 170 5.21 5.01 -6.35
C THR B 170 6.37 5.86 -6.77
N TRP B 171 6.31 7.16 -6.47
CA TRP B 171 7.15 8.12 -7.16
C TRP B 171 8.63 7.89 -6.90
N HIS B 172 9.02 7.57 -5.65
CA HIS B 172 10.47 7.39 -5.36
C HIS B 172 10.96 6.09 -5.99
N ALA B 173 10.17 5.02 -5.85
CA ALA B 173 10.50 3.74 -6.52
C ALA B 173 10.66 3.89 -8.06
N MET B 174 9.72 4.66 -8.65
CA MET B 174 9.78 4.98 -10.08
C MET B 174 11.16 5.53 -10.46
N SER B 175 11.78 6.30 -9.57
CA SER B 175 13.02 6.99 -9.92
C SER B 175 14.22 6.09 -10.13
N VAL B 176 14.20 4.85 -9.57
CA VAL B 176 15.38 3.94 -9.82
C VAL B 176 14.98 2.78 -10.83
N CYS B 177 13.67 2.77 -11.18
CA CYS B 177 13.12 1.94 -12.26
C CYS B 177 13.73 2.39 -13.61
N ASP B 178 13.97 1.47 -14.53
CA ASP B 178 14.68 1.89 -15.73
C ASP B 178 13.95 3.08 -16.41
N PRO B 192 12.84 12.53 -9.66
CA PRO B 192 14.23 12.82 -9.31
C PRO B 192 15.25 11.96 -10.01
N MET B 193 16.41 12.56 -10.27
CA MET B 193 17.50 11.91 -10.98
C MET B 193 18.29 10.99 -10.05
N GLN B 194 18.69 9.83 -10.59
CA GLN B 194 19.55 8.83 -9.93
C GLN B 194 20.70 8.45 -10.89
N HIS B 195 21.49 7.41 -10.56
CA HIS B 195 22.68 6.98 -11.33
C HIS B 195 22.51 5.52 -11.76
N PHE B 196 22.91 5.18 -12.99
CA PHE B 196 22.76 3.84 -13.51
C PHE B 196 24.09 3.21 -14.01
N VAL B 197 24.25 1.89 -13.81
CA VAL B 197 25.28 1.07 -14.43
C VAL B 197 24.65 0.10 -15.44
N ALA B 198 25.50 -0.52 -16.27
CA ALA B 198 25.05 -1.53 -17.23
C ALA B 198 24.13 -2.55 -16.56
N ALA B 199 23.13 -2.99 -17.31
CA ALA B 199 22.37 -4.16 -16.93
C ALA B 199 23.33 -5.30 -16.72
N PRO B 200 23.13 -6.11 -15.67
CA PRO B 200 24.06 -7.21 -15.56
C PRO B 200 23.99 -8.14 -16.77
N PRO B 201 25.11 -8.79 -17.09
CA PRO B 201 25.05 -9.71 -18.26
C PRO B 201 24.05 -10.86 -18.07
N MET B 202 23.32 -11.17 -19.13
CA MET B 202 22.38 -12.27 -19.08
C MET B 202 23.12 -13.61 -18.93
N GLY B 203 22.64 -14.41 -17.99
CA GLY B 203 23.04 -15.79 -17.83
C GLY B 203 23.41 -16.08 -16.40
N PHE B 204 22.65 -16.94 -15.78
CA PHE B 204 22.85 -17.36 -14.42
C PHE B 204 24.22 -18.02 -14.20
N GLU B 205 24.68 -18.81 -15.21
CA GLU B 205 25.94 -19.57 -15.09
C GLU B 205 27.17 -18.89 -15.73
N ARG B 206 26.98 -17.68 -16.21
CA ARG B 206 28.02 -16.96 -16.90
C ARG B 206 28.99 -16.25 -15.94
N ASP B 207 30.27 -16.36 -16.23
CA ASP B 207 31.30 -15.73 -15.44
C ASP B 207 31.43 -14.30 -15.89
N LEU B 208 31.66 -13.39 -14.95
CA LEU B 208 31.95 -12.01 -15.28
C LEU B 208 33.31 -11.95 -15.98
N THR B 209 33.47 -10.97 -16.83
CA THR B 209 34.76 -10.69 -17.42
C THR B 209 35.50 -9.66 -16.59
N GLN B 210 36.80 -9.58 -16.82
CA GLN B 210 37.63 -8.56 -16.11
C GLN B 210 37.11 -7.17 -16.44
N SER B 211 36.76 -6.93 -17.72
CA SER B 211 36.24 -5.63 -18.11
C SER B 211 34.97 -5.26 -17.37
N GLU B 212 34.08 -6.23 -17.18
CA GLU B 212 32.85 -5.99 -16.44
C GLU B 212 33.12 -5.67 -14.99
N ARG B 213 34.05 -6.39 -14.40
CA ARG B 213 34.44 -6.14 -13.00
C ARG B 213 35.02 -4.76 -12.82
N GLU B 214 35.91 -4.39 -13.75
CA GLU B 214 36.55 -3.08 -13.64
C GLU B 214 35.55 -1.94 -13.85
N ALA B 215 34.62 -2.10 -14.79
CA ALA B 215 33.67 -1.03 -15.01
C ALA B 215 32.82 -0.76 -13.78
N LEU B 216 32.37 -1.84 -13.12
CA LEU B 216 31.54 -1.63 -11.91
C LEU B 216 32.34 -0.96 -10.80
N THR B 217 33.56 -1.41 -10.67
CA THR B 217 34.48 -0.88 -9.67
C THR B 217 34.71 0.61 -9.92
N GLU B 218 34.96 0.94 -11.18
CA GLU B 218 35.16 2.33 -11.59
C GLU B 218 33.95 3.23 -11.27
N PHE B 219 32.76 2.66 -11.45
CA PHE B 219 31.52 3.38 -11.10
C PHE B 219 31.46 3.77 -9.62
N PHE B 220 31.83 2.83 -8.74
CA PHE B 220 31.96 3.11 -7.36
C PHE B 220 33.08 4.10 -6.98
N VAL B 221 34.24 3.93 -7.59
CA VAL B 221 35.33 4.89 -7.32
C VAL B 221 34.84 6.32 -7.66
N LYS B 222 34.22 6.45 -8.83
CA LYS B 222 33.72 7.75 -9.25
C LYS B 222 32.60 8.37 -8.41
N ASN B 223 31.61 7.56 -8.04
CA ASN B 223 30.34 8.09 -7.59
C ASN B 223 29.98 7.80 -6.14
N SER B 224 30.75 6.95 -5.46
CA SER B 224 30.33 6.52 -4.13
C SER B 224 30.06 7.61 -3.11
N ASP B 225 30.75 8.73 -3.20
CA ASP B 225 30.53 9.83 -2.27
C ASP B 225 29.14 10.48 -2.44
N LYS B 226 28.50 10.26 -3.59
CA LYS B 226 27.14 10.74 -3.85
C LYS B 226 26.04 9.73 -3.47
N LEU B 227 26.42 8.48 -3.18
CA LEU B 227 25.44 7.36 -3.11
C LEU B 227 25.14 6.92 -1.70
N ALA B 228 23.88 7.02 -1.33
CA ALA B 228 23.37 6.46 -0.10
C ALA B 228 23.22 4.96 -0.23
N GLY B 229 22.85 4.51 -1.42
CA GLY B 229 22.55 3.09 -1.60
C GLY B 229 22.58 2.70 -3.06
N PHE B 230 22.74 1.39 -3.27
CA PHE B 230 22.62 0.75 -4.56
C PHE B 230 21.48 -0.28 -4.39
N ILE B 231 20.45 -0.18 -5.19
CA ILE B 231 19.30 -1.04 -5.13
C ILE B 231 19.27 -1.94 -6.32
N ILE B 232 18.91 -3.22 -6.08
CA ILE B 232 18.87 -4.20 -7.14
C ILE B 232 17.93 -5.35 -6.74
N GLU B 233 17.31 -5.95 -7.76
CA GLU B 233 16.66 -7.27 -7.60
C GLU B 233 17.76 -8.34 -7.71
N PRO B 234 17.95 -9.18 -6.69
CA PRO B 234 19.02 -10.17 -6.76
C PRO B 234 18.65 -11.31 -7.70
N ILE B 235 19.55 -11.58 -8.64
CA ILE B 235 19.53 -12.71 -9.55
C ILE B 235 18.49 -12.65 -10.66
N ILE B 236 17.22 -12.37 -10.33
CA ILE B 236 16.17 -12.27 -11.31
C ILE B 236 15.66 -10.84 -11.33
N GLN B 237 15.73 -10.21 -12.49
CA GLN B 237 15.16 -8.89 -12.70
C GLN B 237 13.83 -9.12 -13.45
N GLY B 238 12.73 -8.77 -12.79
CA GLY B 238 11.42 -9.32 -13.19
C GLY B 238 10.71 -8.50 -14.22
N ALA B 239 10.06 -7.43 -13.74
CA ALA B 239 9.17 -6.67 -14.60
C ALA B 239 9.98 -6.00 -15.67
N GLY B 240 11.27 -5.80 -15.35
CA GLY B 240 12.27 -5.27 -16.30
C GLY B 240 12.75 -6.14 -17.45
N GLY B 241 12.16 -7.34 -17.64
CA GLY B 241 12.57 -8.25 -18.71
C GLY B 241 12.85 -9.71 -18.41
N MET B 242 12.49 -10.16 -17.22
CA MET B 242 12.65 -11.51 -16.78
C MET B 242 14.06 -11.99 -17.10
N ARG B 243 15.05 -11.24 -16.61
CA ARG B 243 16.49 -11.44 -16.86
C ARG B 243 17.12 -12.20 -15.68
N PHE B 244 17.93 -13.20 -15.96
CA PHE B 244 18.66 -13.96 -14.94
C PHE B 244 20.12 -13.57 -15.07
N TYR B 245 20.78 -13.33 -13.95
CA TYR B 245 22.22 -12.99 -14.00
C TYR B 245 23.01 -13.74 -12.91
N SER B 246 24.32 -13.70 -13.02
CA SER B 246 25.23 -14.47 -12.20
C SER B 246 25.28 -13.99 -10.76
N PRO B 247 25.33 -14.93 -9.82
CA PRO B 247 25.63 -14.55 -8.41
C PRO B 247 26.95 -13.82 -8.26
N GLN B 248 27.90 -14.06 -9.18
CA GLN B 248 29.17 -13.30 -9.13
C GLN B 248 28.97 -11.78 -9.16
N TYR B 249 27.96 -11.34 -9.89
CA TYR B 249 27.61 -9.93 -9.95
C TYR B 249 27.22 -9.38 -8.57
N LEU B 250 26.36 -10.14 -7.89
CA LEU B 250 25.95 -9.75 -6.55
C LEU B 250 27.11 -9.78 -5.55
N GLN B 251 27.99 -10.75 -5.68
CA GLN B 251 29.18 -10.87 -4.81
C GLN B 251 30.08 -9.64 -4.98
N LEU B 252 30.32 -9.26 -6.24
CA LEU B 252 31.13 -8.06 -6.51
C LEU B 252 30.44 -6.80 -5.97
N LEU B 253 29.13 -6.69 -6.19
CA LEU B 253 28.38 -5.55 -5.73
C LEU B 253 28.45 -5.40 -4.21
N ARG B 254 28.32 -6.50 -3.48
CA ARG B 254 28.44 -6.50 -2.03
C ARG B 254 29.78 -5.98 -1.56
N LYS B 255 30.84 -6.44 -2.22
CA LYS B 255 32.20 -6.03 -1.84
C LYS B 255 32.43 -4.54 -2.10
N LEU B 256 31.92 -4.05 -3.23
CA LEU B 256 32.01 -2.63 -3.54
C LEU B 256 31.25 -1.74 -2.59
N CYS B 257 30.02 -2.16 -2.26
CA CYS B 257 29.27 -1.43 -1.33
C CYS B 257 29.97 -1.40 0.03
N ASP B 258 30.57 -2.51 0.45
CA ASP B 258 31.37 -2.55 1.69
C ASP B 258 32.55 -1.57 1.67
N GLU B 259 33.36 -1.66 0.63
CA GLU B 259 34.53 -0.80 0.54
C GLU B 259 34.28 0.68 0.33
N TYR B 260 33.21 1.00 -0.34
CA TYR B 260 32.84 2.38 -0.69
C TYR B 260 31.69 2.99 0.08
N ASP B 261 31.33 2.35 1.21
CA ASP B 261 30.31 2.86 2.14
C ASP B 261 29.00 3.26 1.42
N VAL B 262 28.48 2.31 0.64
CA VAL B 262 27.21 2.46 -0.05
C VAL B 262 26.35 1.28 0.47
N LEU B 263 25.15 1.56 0.92
CA LEU B 263 24.25 0.48 1.39
C LEU B 263 23.75 -0.35 0.25
N LEU B 264 23.83 -1.68 0.38
CA LEU B 264 23.24 -2.57 -0.61
C LEU B 264 21.77 -2.87 -0.21
N ILE B 265 20.88 -2.51 -1.11
CA ILE B 265 19.41 -2.74 -0.87
C ILE B 265 18.98 -3.82 -1.87
N ALA B 266 18.53 -4.96 -1.35
CA ALA B 266 18.13 -6.08 -2.20
C ALA B 266 16.62 -6.09 -2.18
N ASP B 267 16.00 -5.93 -3.36
CA ASP B 267 14.56 -6.01 -3.46
C ASP B 267 14.17 -7.44 -3.79
N GLU B 268 13.78 -8.17 -2.76
CA GLU B 268 13.38 -9.55 -2.84
C GLU B 268 11.83 -9.71 -2.81
N ILE B 269 11.11 -8.68 -3.24
CA ILE B 269 9.63 -8.76 -3.22
C ILE B 269 9.14 -9.88 -4.13
N ALA B 270 9.76 -10.05 -5.32
CA ALA B 270 9.38 -11.12 -6.27
C ALA B 270 10.19 -12.39 -6.01
N THR B 271 11.49 -12.25 -5.70
CA THR B 271 12.33 -13.43 -5.58
C THR B 271 12.15 -14.18 -4.23
N GLY B 272 11.73 -13.45 -3.21
CA GLY B 272 11.70 -14.02 -1.87
C GLY B 272 10.76 -15.21 -1.75
N PHE B 273 11.16 -16.14 -0.88
CA PHE B 273 10.42 -17.36 -0.54
C PHE B 273 10.47 -18.44 -1.60
N GLY B 274 11.52 -18.45 -2.42
CA GLY B 274 11.84 -19.64 -3.19
C GLY B 274 12.02 -19.50 -4.66
N ARG B 275 11.69 -18.33 -5.20
CA ARG B 275 11.31 -18.29 -6.61
C ARG B 275 12.53 -18.58 -7.53
N SER B 276 13.73 -18.17 -7.10
CA SER B 276 14.94 -18.39 -7.88
C SER B 276 15.63 -19.75 -7.63
N GLY B 277 15.01 -20.59 -6.80
CA GLY B 277 15.59 -21.87 -6.42
C GLY B 277 16.29 -21.90 -5.05
N LYS B 278 16.39 -20.74 -4.41
CA LYS B 278 16.78 -20.61 -3.00
C LYS B 278 15.72 -19.78 -2.27
N LEU B 279 15.63 -19.94 -0.97
CA LEU B 279 14.65 -19.23 -0.18
C LEU B 279 14.71 -17.73 -0.43
N PHE B 280 15.91 -17.14 -0.37
CA PHE B 280 16.15 -15.79 -0.80
C PHE B 280 17.22 -15.82 -1.84
N ALA B 281 17.03 -15.03 -2.89
CA ALA B 281 17.96 -15.04 -4.00
C ALA B 281 19.38 -14.59 -3.62
N CYS B 282 19.49 -13.79 -2.57
CA CYS B 282 20.80 -13.38 -2.05
C CYS B 282 21.67 -14.59 -1.69
N GLU B 283 21.01 -15.70 -1.30
CA GLU B 283 21.71 -16.93 -0.92
C GLU B 283 22.57 -17.52 -2.07
N HIS B 284 22.15 -17.26 -3.32
CA HIS B 284 22.94 -17.77 -4.45
C HIS B 284 24.38 -17.23 -4.40
N ALA B 285 24.52 -16.02 -3.88
CA ALA B 285 25.81 -15.33 -3.75
C ALA B 285 26.43 -15.49 -2.38
N ALA B 286 25.70 -16.09 -1.45
CA ALA B 286 26.07 -16.17 0.00
C ALA B 286 26.48 -14.81 0.55
N ILE B 287 25.65 -13.79 0.23
CA ILE B 287 25.83 -12.45 0.74
C ILE B 287 24.58 -12.04 1.48
N SER B 288 24.74 -11.04 2.33
CA SER B 288 23.57 -10.39 2.95
C SER B 288 23.54 -8.93 2.53
N PRO B 289 22.34 -8.39 2.25
CA PRO B 289 22.23 -6.97 1.97
C PRO B 289 22.16 -6.19 3.26
N ASP B 290 22.36 -4.85 3.18
CA ASP B 290 22.12 -3.98 4.34
C ASP B 290 20.65 -3.79 4.63
N ILE B 291 19.86 -3.73 3.54
CA ILE B 291 18.41 -3.56 3.60
C ILE B 291 17.82 -4.56 2.61
N MET B 292 16.72 -5.20 3.02
CA MET B 292 15.97 -6.12 2.15
C MET B 292 14.51 -5.83 2.19
N THR B 293 13.89 -5.80 1.02
CA THR B 293 12.42 -5.70 0.93
C THR B 293 11.85 -7.10 0.55
N ILE B 294 10.72 -7.43 1.17
CA ILE B 294 9.96 -8.65 0.87
C ILE B 294 8.45 -8.33 0.79
N GLY B 295 7.71 -9.23 0.12
CA GLY B 295 6.28 -9.05 -0.07
C GLY B 295 5.76 -10.24 -0.86
N LYS B 296 4.69 -10.03 -1.63
CA LYS B 296 4.15 -10.98 -2.60
C LYS B 296 3.90 -12.35 -1.93
N ALA B 297 4.83 -13.28 -2.13
CA ALA B 297 4.68 -14.60 -1.53
C ALA B 297 4.69 -14.64 0.02
N LEU B 298 5.09 -13.56 0.64
CA LEU B 298 5.03 -13.39 2.11
C LEU B 298 3.69 -13.78 2.68
N THR B 299 2.61 -13.36 2.05
CA THR B 299 1.24 -13.71 2.54
C THR B 299 0.61 -14.82 1.72
N GLY B 300 1.38 -15.54 0.93
CA GLY B 300 0.83 -16.50 0.00
C GLY B 300 -0.07 -15.84 -1.04
N GLY B 301 0.13 -14.55 -1.26
CA GLY B 301 -0.73 -13.87 -2.25
C GLY B 301 -2.13 -13.62 -1.79
N TYR B 302 -2.41 -13.73 -0.50
CA TYR B 302 -3.79 -13.52 -0.03
C TYR B 302 -4.16 -12.06 0.08
N MET B 303 -3.14 -11.24 0.43
CA MET B 303 -3.44 -9.84 0.74
C MET B 303 -2.18 -8.99 0.63
N THR B 304 -2.39 -7.70 0.40
CA THR B 304 -1.26 -6.83 0.28
C THR B 304 -0.58 -6.64 1.66
N PHE B 305 0.73 -6.74 1.64
CA PHE B 305 1.57 -6.65 2.85
C PHE B 305 3.00 -6.78 2.36
N ALA B 306 3.93 -6.19 3.10
CA ALA B 306 5.35 -6.22 2.75
C ALA B 306 6.16 -5.90 3.95
N ALA B 307 7.45 -5.94 3.84
CA ALA B 307 8.31 -5.54 4.98
C ALA B 307 9.64 -5.08 4.43
N THR B 308 10.25 -4.21 5.20
CA THR B 308 11.63 -3.73 4.95
C THR B 308 12.44 -4.08 6.14
N LEU B 309 13.52 -4.85 5.92
CA LEU B 309 14.41 -5.28 6.95
C LEU B 309 15.75 -4.55 6.82
N SER B 310 16.35 -4.24 7.96
CA SER B 310 17.68 -3.65 7.97
C SER B 310 18.58 -4.32 8.99
N THR B 311 19.87 -4.03 8.87
CA THR B 311 20.79 -4.36 9.92
C THR B 311 20.49 -3.57 11.19
N ARG B 312 21.09 -4.05 12.28
CA ARG B 312 21.06 -3.33 13.60
C ARG B 312 21.85 -2.06 13.46
N GLU B 313 22.97 -2.06 12.73
CA GLU B 313 23.80 -0.86 12.56
C GLU B 313 22.95 0.30 11.99
N ILE B 314 22.12 0.01 10.98
CA ILE B 314 21.24 1.02 10.41
C ILE B 314 20.21 1.48 11.46
N ALA B 315 19.52 0.54 12.08
CA ALA B 315 18.49 0.92 13.07
C ALA B 315 19.07 1.75 14.23
N ASP B 316 20.22 1.33 14.77
CA ASP B 316 20.89 2.03 15.89
C ASP B 316 21.35 3.44 15.48
N THR B 317 21.97 3.51 14.30
CA THR B 317 22.60 4.75 13.86
C THR B 317 21.55 5.81 13.69
N ILE B 318 20.42 5.43 13.10
CA ILE B 318 19.30 6.36 12.95
C ILE B 318 18.81 6.65 14.36
N SER B 319 18.51 5.60 15.09
CA SER B 319 17.85 5.77 16.41
C SER B 319 18.69 6.64 17.37
N GLN B 320 20.02 6.63 17.26
CA GLN B 320 20.90 7.43 18.13
C GLN B 320 21.25 8.80 17.55
N SER B 321 20.64 9.15 16.43
CA SER B 321 20.95 10.37 15.72
C SER B 321 20.07 11.51 16.23
N ASP B 322 20.28 12.68 15.63
CA ASP B 322 19.43 13.86 15.84
C ASP B 322 17.99 13.68 15.34
N TYR B 323 17.79 12.74 14.41
CA TYR B 323 16.47 12.39 13.89
C TYR B 323 16.24 10.91 14.22
N PRO B 324 15.91 10.58 15.48
CA PRO B 324 15.89 9.16 15.85
C PRO B 324 14.73 8.33 15.27
N ALA B 325 13.64 9.00 14.89
CA ALA B 325 12.44 8.28 14.45
C ALA B 325 12.56 8.09 12.96
N LEU B 326 12.19 6.89 12.54
CA LEU B 326 12.15 6.61 11.11
C LEU B 326 10.85 7.22 10.61
N MET B 327 10.96 8.08 9.61
CA MET B 327 9.86 8.99 9.24
C MET B 327 8.90 8.42 8.20
N HIS B 328 8.30 7.28 8.60
CA HIS B 328 7.21 6.69 7.84
C HIS B 328 6.28 5.94 8.78
N GLY B 329 5.01 5.73 8.40
CA GLY B 329 4.10 5.03 9.24
C GLY B 329 2.71 4.85 8.61
N PRO B 330 2.55 3.81 7.79
CA PRO B 330 1.23 3.58 7.16
C PRO B 330 0.12 3.31 8.22
N THR B 331 -1.08 3.80 7.96
CA THR B 331 -2.21 3.59 8.91
C THR B 331 -2.41 2.11 9.39
N PHE B 332 -2.30 1.20 8.42
CA PHE B 332 -2.49 -0.23 8.68
C PHE B 332 -1.19 -0.95 8.93
N MET B 333 -0.12 -0.24 9.30
CA MET B 333 1.17 -0.87 9.60
C MET B 333 0.99 -2.04 10.57
N GLY B 334 1.64 -3.15 10.23
CA GLY B 334 1.64 -4.30 11.11
C GLY B 334 0.39 -5.11 11.17
N ASN B 335 -0.53 -4.89 10.23
CA ASN B 335 -1.83 -5.52 10.28
C ASN B 335 -1.79 -6.98 10.80
N PRO B 336 -2.54 -7.28 11.87
CA PRO B 336 -2.44 -8.62 12.39
C PRO B 336 -2.94 -9.76 11.51
N LEU B 337 -3.94 -9.50 10.69
CA LEU B 337 -4.42 -10.54 9.80
C LEU B 337 -3.32 -10.90 8.79
N ALA B 338 -2.68 -9.89 8.19
CA ALA B 338 -1.54 -10.14 7.25
C ALA B 338 -0.42 -10.86 7.93
N CYS B 339 -0.09 -10.42 9.15
CA CYS B 339 0.95 -11.11 9.91
C CYS B 339 0.62 -12.58 10.12
N ALA B 340 -0.62 -12.87 10.49
CA ALA B 340 -1.01 -14.22 10.81
C ALA B 340 -0.96 -15.11 9.56
N VAL B 341 -1.46 -14.63 8.42
CA VAL B 341 -1.37 -15.43 7.17
C VAL B 341 0.07 -15.60 6.73
N ALA B 342 0.90 -14.59 6.91
CA ALA B 342 2.31 -14.70 6.60
C ALA B 342 3.04 -15.76 7.42
N CYS B 343 2.72 -15.83 8.73
CA CYS B 343 3.29 -16.91 9.53
C CYS B 343 2.97 -18.29 8.90
N ALA B 344 1.71 -18.47 8.54
CA ALA B 344 1.30 -19.75 7.92
C ALA B 344 1.99 -20.03 6.58
N SER B 345 2.10 -18.99 5.75
CA SER B 345 2.75 -19.11 4.49
C SER B 345 4.22 -19.51 4.65
N ILE B 346 4.94 -18.83 5.54
CA ILE B 346 6.37 -19.16 5.81
C ILE B 346 6.50 -20.61 6.30
N ASP B 347 5.63 -21.00 7.23
CA ASP B 347 5.66 -22.38 7.72
C ASP B 347 5.50 -23.39 6.59
N LEU B 348 4.62 -23.08 5.64
CA LEU B 348 4.44 -23.93 4.49
C LEU B 348 5.71 -24.00 3.65
N ILE B 349 6.24 -22.82 3.29
CA ILE B 349 7.49 -22.81 2.50
C ILE B 349 8.62 -23.63 3.15
N VAL B 350 8.80 -23.45 4.45
CA VAL B 350 9.85 -24.14 5.18
C VAL B 350 9.57 -25.66 5.14
N SER B 351 8.30 -26.04 5.19
CA SER B 351 7.91 -27.46 5.15
C SER B 351 8.19 -28.18 3.81
N TYR B 352 8.24 -27.41 2.74
CA TYR B 352 8.39 -27.99 1.42
C TYR B 352 9.74 -28.55 1.00
N ASP B 353 10.77 -28.12 1.61
CA ASP B 353 12.23 -28.40 1.06
C ASP B 353 12.29 -27.62 -0.23
N ILE B 354 12.30 -26.30 -0.06
CA ILE B 354 12.04 -25.38 -1.16
C ILE B 354 13.13 -25.52 -2.25
N GLU B 355 14.37 -25.81 -1.87
CA GLU B 355 15.40 -26.04 -2.89
C GLU B 355 15.10 -27.26 -3.77
N ALA B 356 14.67 -28.37 -3.15
CA ALA B 356 14.35 -29.53 -3.91
C ALA B 356 13.10 -29.33 -4.75
N ARG B 357 12.10 -28.67 -4.16
CA ARG B 357 10.85 -28.43 -4.88
C ARG B 357 11.10 -27.64 -6.18
N THR B 358 11.85 -26.56 -6.04
CA THR B 358 12.09 -25.67 -7.17
C THR B 358 13.06 -26.25 -8.17
N GLU B 359 14.01 -27.08 -7.70
CA GLU B 359 14.88 -27.81 -8.64
C GLU B 359 14.07 -28.74 -9.56
N ASN B 360 13.07 -29.40 -8.97
CA ASN B 360 12.21 -30.29 -9.73
C ASN B 360 11.33 -29.50 -10.72
N MET B 361 10.80 -28.36 -10.27
CA MET B 361 10.04 -27.47 -11.17
C MET B 361 10.90 -27.02 -12.37
N GLN B 362 12.13 -26.55 -12.09
CA GLN B 362 13.00 -26.14 -13.14
C GLN B 362 13.26 -27.25 -14.16
N ALA B 363 13.52 -28.43 -13.66
CA ALA B 363 13.85 -29.57 -14.54
C ALA B 363 12.70 -29.90 -15.48
N ILE B 364 11.48 -29.91 -14.91
CA ILE B 364 10.30 -30.21 -15.73
C ILE B 364 10.01 -29.10 -16.75
N MET B 365 10.05 -27.83 -16.33
CA MET B 365 9.78 -26.71 -17.22
C MET B 365 10.82 -26.67 -18.35
N ASN B 366 12.09 -26.90 -18.02
CA ASN B 366 13.17 -26.93 -19.05
C ASN B 366 12.90 -28.05 -20.06
N GLU B 367 12.61 -29.23 -19.58
CA GLU B 367 12.37 -30.37 -20.47
C GLU B 367 11.16 -30.12 -21.36
N GLN B 368 10.09 -29.63 -20.76
CA GLN B 368 8.84 -29.46 -21.52
C GLN B 368 8.84 -28.27 -22.47
N LEU B 369 9.54 -27.21 -22.11
CA LEU B 369 9.50 -25.98 -22.89
C LEU B 369 10.66 -25.79 -23.85
N ALA B 370 11.77 -26.50 -23.66
CA ALA B 370 12.94 -26.34 -24.57
C ALA B 370 12.60 -26.51 -26.04
N PRO B 371 11.65 -27.43 -26.38
CA PRO B 371 11.33 -27.55 -27.81
C PRO B 371 10.73 -26.33 -28.48
N ALA B 372 10.27 -25.34 -27.71
CA ALA B 372 9.83 -24.09 -28.25
C ALA B 372 10.83 -23.42 -29.15
N VAL B 373 12.13 -23.65 -28.89
CA VAL B 373 13.16 -23.02 -29.72
C VAL B 373 13.13 -23.47 -31.15
N SER B 374 12.41 -24.54 -31.42
CA SER B 374 12.18 -25.05 -32.77
C SER B 374 11.36 -24.11 -33.62
N LEU B 375 10.48 -23.32 -32.96
CA LEU B 375 9.57 -22.38 -33.64
C LEU B 375 10.26 -21.10 -34.11
N GLU B 376 10.04 -20.75 -35.38
CA GLU B 376 10.72 -19.60 -36.02
C GLU B 376 10.66 -18.24 -35.22
N GLY B 377 9.46 -17.93 -34.66
CA GLY B 377 9.19 -16.71 -33.88
C GLY B 377 9.58 -16.69 -32.39
N VAL B 378 10.22 -17.78 -31.95
CA VAL B 378 10.81 -17.84 -30.62
C VAL B 378 12.27 -17.46 -30.66
N LYS B 379 12.69 -16.56 -29.76
CA LYS B 379 14.08 -16.17 -29.61
C LYS B 379 14.85 -17.17 -28.77
N GLU B 380 14.37 -17.38 -27.55
CA GLU B 380 15.00 -18.32 -26.63
C GLU B 380 14.06 -18.75 -25.52
N VAL B 381 14.49 -19.79 -24.80
CA VAL B 381 13.78 -20.24 -23.60
C VAL B 381 14.80 -20.25 -22.47
N ARG B 382 14.43 -19.70 -21.31
CA ARG B 382 15.31 -19.68 -20.13
C ARG B 382 14.48 -19.99 -18.89
N CYS B 383 14.98 -20.92 -18.08
CA CYS B 383 14.36 -21.31 -16.85
C CYS B 383 15.36 -21.17 -15.70
N LEU B 384 14.85 -20.75 -14.54
CA LEU B 384 15.64 -20.73 -13.31
C LEU B 384 14.68 -20.95 -12.14
N GLY B 385 14.94 -21.96 -11.32
CA GLY B 385 14.08 -22.24 -10.19
C GLY B 385 12.63 -22.42 -10.65
N ALA B 386 11.74 -21.62 -10.08
CA ALA B 386 10.31 -21.71 -10.40
C ALA B 386 9.89 -20.56 -11.34
N VAL B 387 10.74 -20.22 -12.31
CA VAL B 387 10.45 -19.24 -13.33
C VAL B 387 10.85 -19.86 -14.70
N ALA B 388 9.96 -19.77 -15.69
CA ALA B 388 10.27 -20.12 -17.10
C ALA B 388 9.82 -19.02 -18.02
N VAL B 389 10.68 -18.71 -18.99
CA VAL B 389 10.43 -17.62 -19.94
C VAL B 389 10.66 -18.14 -21.34
N ILE B 390 9.62 -17.93 -22.17
CA ILE B 390 9.74 -18.10 -23.62
C ILE B 390 9.78 -16.67 -24.17
N GLU B 391 10.92 -16.24 -24.64
CA GLU B 391 11.07 -14.92 -25.22
C GLU B 391 10.82 -15.08 -26.74
N LEU B 392 9.91 -14.29 -27.24
CA LEU B 392 9.57 -14.24 -28.68
C LEU B 392 10.34 -13.15 -29.37
N ASN B 393 10.44 -13.24 -30.69
CA ASN B 393 11.08 -12.22 -31.50
C ASN B 393 10.28 -10.92 -31.56
N GLU B 394 8.95 -11.00 -31.54
CA GLU B 394 8.09 -9.84 -31.68
C GLU B 394 7.12 -9.80 -30.51
N ALA B 395 6.65 -8.61 -30.19
CA ALA B 395 5.72 -8.41 -29.11
C ALA B 395 4.47 -9.27 -29.30
N VAL B 396 3.95 -9.75 -28.18
CA VAL B 396 2.77 -10.58 -28.20
C VAL B 396 1.56 -9.69 -28.49
N ASP B 397 0.76 -10.13 -29.46
CA ASP B 397 -0.59 -9.63 -29.70
C ASP B 397 -1.59 -10.29 -28.74
N MET B 398 -1.90 -9.57 -27.68
CA MET B 398 -2.56 -10.15 -26.51
C MET B 398 -3.96 -10.82 -26.76
N PRO B 399 -4.85 -10.14 -27.50
CA PRO B 399 -6.15 -10.75 -27.72
C PRO B 399 -6.07 -12.10 -28.42
N ILE B 400 -5.21 -12.20 -29.45
CA ILE B 400 -5.03 -13.46 -30.21
C ILE B 400 -4.55 -14.52 -29.26
N PHE B 401 -3.46 -14.21 -28.57
CA PHE B 401 -2.90 -15.12 -27.61
C PHE B 401 -3.95 -15.62 -26.57
N GLN B 402 -4.69 -14.71 -26.09
CA GLN B 402 -5.63 -15.02 -25.03
C GLN B 402 -6.78 -15.77 -25.54
N THR B 403 -7.21 -15.50 -26.77
CA THR B 403 -8.33 -16.24 -27.32
C THR B 403 -7.98 -17.67 -27.60
N LEU B 404 -6.67 -18.05 -27.41
CA LEU B 404 -6.08 -19.41 -27.32
C LEU B 404 -6.02 -19.96 -25.89
N LEU B 405 -6.22 -19.09 -24.90
CA LEU B 405 -6.06 -19.45 -23.50
C LEU B 405 -7.07 -20.39 -23.00
N ILE B 406 -8.32 -19.96 -23.15
CA ILE B 406 -9.40 -20.61 -22.47
C ILE B 406 -9.52 -22.01 -23.00
N ASN B 407 -9.47 -22.18 -24.33
CA ASN B 407 -9.65 -23.50 -24.91
C ASN B 407 -8.55 -24.50 -24.54
N ASN B 408 -7.38 -23.98 -24.11
CA ASN B 408 -6.33 -24.85 -23.66
C ASN B 408 -6.21 -24.96 -22.13
N GLY B 409 -7.18 -24.41 -21.37
CA GLY B 409 -7.28 -24.78 -19.96
C GLY B 409 -6.26 -24.02 -19.10
N ILE B 410 -5.65 -22.93 -19.60
CA ILE B 410 -4.60 -22.23 -18.83
C ILE B 410 -4.78 -20.71 -18.84
N TRP B 411 -4.15 -20.05 -17.87
CA TRP B 411 -4.13 -18.61 -17.78
C TRP B 411 -2.67 -18.19 -17.65
N VAL B 412 -2.22 -17.37 -18.61
CA VAL B 412 -0.88 -16.82 -18.67
C VAL B 412 -1.07 -15.36 -19.11
N ARG B 413 -0.22 -14.49 -18.63
CA ARG B 413 -0.30 -13.05 -18.93
C ARG B 413 1.03 -12.56 -19.48
N PRO B 414 1.21 -12.59 -20.82
CA PRO B 414 2.45 -12.07 -21.39
C PRO B 414 2.69 -10.60 -21.17
N PHE B 415 3.93 -10.18 -21.24
CA PHE B 415 4.27 -8.73 -21.30
C PHE B 415 5.37 -8.52 -22.34
N GLY B 416 5.23 -7.50 -23.13
CA GLY B 416 6.05 -7.34 -24.34
C GLY B 416 6.23 -8.63 -25.17
N LYS B 417 7.46 -9.03 -25.28
CA LYS B 417 7.87 -10.22 -26.04
C LYS B 417 7.96 -11.45 -25.16
N LEU B 418 7.59 -11.32 -23.88
CA LEU B 418 7.76 -12.38 -22.94
C LEU B 418 6.50 -13.17 -22.57
N VAL B 419 6.59 -14.48 -22.80
CA VAL B 419 5.58 -15.43 -22.41
C VAL B 419 6.20 -16.27 -21.32
N TYR B 420 5.83 -16.00 -20.08
CA TYR B 420 6.54 -16.55 -18.93
C TYR B 420 5.50 -17.07 -17.89
N ILE B 421 5.98 -17.99 -17.11
CA ILE B 421 5.22 -18.63 -16.05
C ILE B 421 6.03 -18.66 -14.78
N MET B 422 5.29 -18.57 -13.68
CA MET B 422 5.85 -18.55 -12.36
C MET B 422 4.83 -19.40 -11.49
N PRO B 423 4.83 -20.70 -11.68
CA PRO B 423 3.79 -21.53 -11.10
C PRO B 423 3.96 -21.69 -9.62
N PRO B 424 2.89 -22.16 -8.95
CA PRO B 424 2.98 -22.31 -7.50
C PRO B 424 3.79 -23.56 -7.09
N TYR B 425 4.35 -23.54 -5.88
CA TYR B 425 5.22 -24.60 -5.41
C TYR B 425 4.45 -25.85 -5.11
N VAL B 426 3.13 -25.75 -4.92
CA VAL B 426 2.32 -26.91 -4.70
C VAL B 426 1.93 -27.70 -5.97
N ILE B 427 2.29 -27.18 -7.15
CA ILE B 427 1.90 -27.83 -8.39
C ILE B 427 2.50 -29.26 -8.49
N THR B 428 1.66 -30.24 -8.86
CA THR B 428 2.19 -31.61 -9.06
C THR B 428 2.98 -31.74 -10.36
N ASP B 429 3.73 -32.82 -10.48
CA ASP B 429 4.42 -33.06 -11.73
C ASP B 429 3.46 -33.14 -12.90
N ASP B 430 2.32 -33.82 -12.71
CA ASP B 430 1.36 -33.96 -13.80
C ASP B 430 0.70 -32.64 -14.12
N GLU B 431 0.39 -31.83 -13.09
CA GLU B 431 -0.21 -30.52 -13.31
C GLU B 431 0.75 -29.60 -14.06
N LEU B 432 2.02 -29.64 -13.65
CA LEU B 432 3.03 -28.79 -14.29
C LEU B 432 3.27 -29.20 -15.74
N THR B 433 3.27 -30.50 -15.97
CA THR B 433 3.39 -31.03 -17.33
C THR B 433 2.20 -30.59 -18.18
N THR B 434 1.00 -30.69 -17.64
CA THR B 434 -0.18 -30.19 -18.33
C THR B 434 -0.08 -28.71 -18.70
N LEU B 435 0.36 -27.91 -17.74
CA LEU B 435 0.53 -26.46 -17.95
C LEU B 435 1.55 -26.19 -19.06
N CYS B 436 2.69 -26.89 -19.03
CA CYS B 436 3.77 -26.60 -20.00
C CYS B 436 3.38 -27.09 -21.38
N GLN B 437 2.70 -28.23 -21.47
CA GLN B 437 2.24 -28.77 -22.80
C GLN B 437 1.21 -27.85 -23.42
N ALA B 438 0.30 -27.36 -22.60
CA ALA B 438 -0.68 -26.39 -23.01
C ALA B 438 -0.05 -25.08 -23.45
N LEU B 439 0.92 -24.61 -22.71
CA LEU B 439 1.59 -23.37 -23.08
C LEU B 439 2.33 -23.53 -24.43
N LEU B 440 3.00 -24.65 -24.63
CA LEU B 440 3.77 -24.88 -25.85
C LEU B 440 2.77 -24.97 -27.03
N LYS B 441 1.59 -25.54 -26.80
CA LYS B 441 0.52 -25.60 -27.84
C LYS B 441 -0.04 -24.21 -28.15
N VAL B 442 -0.26 -23.38 -27.15
CA VAL B 442 -0.68 -22.01 -27.30
C VAL B 442 0.36 -21.21 -28.06
N VAL B 443 1.64 -21.26 -27.67
CA VAL B 443 2.66 -20.51 -28.35
C VAL B 443 2.77 -20.94 -29.84
N SER B 444 2.78 -22.22 -30.09
CA SER B 444 2.87 -22.74 -31.46
C SER B 444 1.69 -22.27 -32.29
N SER B 445 0.47 -22.32 -31.71
CA SER B 445 -0.76 -21.97 -32.44
C SER B 445 -0.79 -20.45 -32.66
N TYR B 446 -0.32 -19.70 -31.68
CA TYR B 446 -0.21 -18.26 -31.83
C TYR B 446 0.71 -17.86 -32.98
N LEU B 447 1.88 -18.44 -33.03
CA LEU B 447 2.86 -18.15 -34.06
C LEU B 447 2.34 -18.55 -35.49
N THR B 448 1.16 -19.18 -35.60
CA THR B 448 0.43 -19.35 -36.87
C THR B 448 -0.27 -18.07 -37.45
N ARG B 449 -0.44 -17.03 -36.62
CA ARG B 449 -1.28 -15.87 -36.92
C ARG B 449 -0.36 -14.68 -36.82
#